data_2JP6
#
_entry.id   2JP6
#
_entity_poly.entity_id   1
_entity_poly.type   'polypeptide(L)'
_entity_poly.pdbx_seq_one_letter_code
;GSTGPQTTCQAAMCEAGCKGLGKSMESCQGDTCKCKA
;
_entity_poly.pdbx_strand_id   A
#
# COMPACT_ATOMS: atom_id res chain seq x y z
N GLY A 1 0.59 -3.12 12.19
CA GLY A 1 -0.79 -3.18 12.72
C GLY A 1 -1.86 -2.80 11.69
N SER A 2 -2.15 -1.50 11.57
CA SER A 2 -3.07 -0.97 10.53
C SER A 2 -2.35 -0.57 9.22
N THR A 3 -1.47 0.45 9.22
CA THR A 3 -0.74 0.89 8.00
C THR A 3 0.60 0.13 7.89
N GLY A 4 0.74 -0.67 6.82
CA GLY A 4 1.91 -1.56 6.61
C GLY A 4 2.93 -1.03 5.59
N PRO A 5 4.08 -0.41 5.95
CA PRO A 5 5.08 0.09 4.95
C PRO A 5 5.98 -1.02 4.33
N GLN A 6 5.88 -1.18 3.00
CA GLN A 6 6.71 -2.16 2.25
C GLN A 6 8.05 -1.49 1.73
N THR A 7 8.61 -1.91 0.58
CA THR A 7 9.79 -1.22 -0.04
C THR A 7 9.68 -1.33 -1.59
N THR A 8 8.69 -0.62 -2.16
CA THR A 8 8.29 -0.82 -3.58
C THR A 8 7.48 0.40 -4.12
N CYS A 9 7.92 0.96 -5.27
CA CYS A 9 7.18 2.01 -6.00
C CYS A 9 5.96 1.50 -6.82
N GLN A 10 6.15 0.71 -7.88
CA GLN A 10 5.03 0.22 -8.74
C GLN A 10 4.25 -1.00 -8.12
N ALA A 11 3.51 -0.74 -7.04
CA ALA A 11 2.96 -1.81 -6.18
C ALA A 11 1.46 -2.10 -6.42
N ALA A 12 1.19 -2.80 -7.54
CA ALA A 12 -0.19 -3.18 -7.93
C ALA A 12 -0.92 -4.19 -7.00
N MET A 13 -0.23 -5.24 -6.54
CA MET A 13 -0.77 -6.22 -5.55
C MET A 13 -1.03 -5.62 -4.12
N CYS A 14 -0.11 -4.80 -3.60
CA CYS A 14 -0.30 -3.98 -2.38
C CYS A 14 -1.54 -3.03 -2.44
N GLU A 15 -1.62 -2.19 -3.48
CA GLU A 15 -2.78 -1.28 -3.70
C GLU A 15 -4.14 -1.98 -4.05
N ALA A 16 -4.15 -3.05 -4.86
CA ALA A 16 -5.37 -3.85 -5.11
C ALA A 16 -5.97 -4.60 -3.88
N GLY A 17 -5.15 -5.20 -3.00
CA GLY A 17 -5.62 -5.61 -1.65
C GLY A 17 -6.13 -4.50 -0.71
N CYS A 18 -5.42 -3.37 -0.63
CA CYS A 18 -5.91 -2.16 0.07
C CYS A 18 -7.25 -1.54 -0.44
N LYS A 19 -7.43 -1.43 -1.77
CA LYS A 19 -8.72 -1.03 -2.40
C LYS A 19 -9.84 -2.12 -2.37
N GLY A 20 -9.50 -3.43 -2.47
CA GLY A 20 -10.46 -4.52 -2.18
C GLY A 20 -11.08 -4.57 -0.76
N LEU A 21 -10.26 -4.34 0.28
CA LEU A 21 -10.75 -3.90 1.61
C LEU A 21 -11.47 -2.49 1.64
N GLY A 22 -10.95 -1.50 0.90
CA GLY A 22 -11.58 -0.18 0.74
C GLY A 22 -11.01 0.96 1.59
N LYS A 23 -9.67 1.06 1.70
CA LYS A 23 -9.03 1.83 2.80
C LYS A 23 -8.21 3.03 2.25
N SER A 24 -6.88 2.91 2.02
CA SER A 24 -6.04 4.00 1.46
C SER A 24 -4.70 3.43 0.88
N MET A 25 -4.30 3.98 -0.26
CA MET A 25 -3.21 3.43 -1.11
C MET A 25 -2.05 4.47 -1.21
N GLU A 26 -0.93 4.21 -0.54
CA GLU A 26 0.22 5.15 -0.49
C GLU A 26 1.53 4.46 -1.00
N SER A 27 1.64 4.31 -2.32
CA SER A 27 2.84 3.73 -2.98
C SER A 27 3.83 4.77 -3.56
N CYS A 28 5.12 4.38 -3.59
CA CYS A 28 6.25 5.26 -3.97
C CYS A 28 6.51 6.54 -3.10
N GLN A 29 6.09 6.49 -1.82
CA GLN A 29 6.29 7.57 -0.84
C GLN A 29 7.79 7.89 -0.50
N GLY A 30 8.60 6.84 -0.31
CA GLY A 30 10.06 6.93 -0.51
C GLY A 30 10.66 5.57 -0.89
N ASP A 31 10.25 5.03 -2.05
CA ASP A 31 10.31 3.56 -2.35
C ASP A 31 9.63 2.69 -1.23
N THR A 32 8.29 2.74 -1.16
CA THR A 32 7.52 2.21 0.00
C THR A 32 6.02 2.16 -0.42
N CYS A 33 5.38 1.00 -0.23
CA CYS A 33 3.90 0.89 -0.27
C CYS A 33 3.34 0.80 1.16
N LYS A 34 2.81 1.93 1.65
CA LYS A 34 1.96 1.94 2.86
C LYS A 34 0.50 1.55 2.49
N CYS A 35 0.15 0.29 2.74
CA CYS A 35 -1.26 -0.16 2.70
C CYS A 35 -1.91 -0.03 4.11
N LYS A 36 -2.95 0.80 4.21
CA LYS A 36 -3.90 0.73 5.36
C LYS A 36 -4.79 -0.53 5.26
N ALA A 37 -4.53 -1.51 6.13
CA ALA A 37 -5.18 -2.84 6.07
C ALA A 37 -6.16 -2.98 7.24
N GLY A 1 -4.73 2.92 12.62
CA GLY A 1 -4.61 2.52 11.21
C GLY A 1 -3.48 1.50 10.97
N SER A 2 -3.81 0.21 11.12
CA SER A 2 -2.81 -0.89 11.02
C SER A 2 -2.20 -1.06 9.59
N THR A 3 -0.99 -0.54 9.41
CA THR A 3 -0.44 -0.24 8.05
C THR A 3 0.89 -1.03 7.82
N GLY A 4 0.98 -1.68 6.66
CA GLY A 4 2.16 -2.50 6.29
C GLY A 4 3.13 -1.81 5.31
N PRO A 5 4.29 -1.23 5.72
CA PRO A 5 5.26 -0.60 4.76
C PRO A 5 6.18 -1.62 4.02
N GLN A 6 6.08 -1.65 2.69
CA GLN A 6 6.91 -2.57 1.84
C GLN A 6 8.23 -1.82 1.35
N THR A 7 8.75 -2.13 0.16
CA THR A 7 9.89 -1.35 -0.45
C THR A 7 9.73 -1.33 -2.00
N THR A 8 8.70 -0.61 -2.48
CA THR A 8 8.25 -0.71 -3.90
C THR A 8 7.39 0.53 -4.33
N CYS A 9 7.78 1.17 -5.44
CA CYS A 9 7.04 2.30 -6.04
C CYS A 9 5.74 1.92 -6.82
N GLN A 10 5.87 1.22 -7.97
CA GLN A 10 4.71 0.81 -8.81
C GLN A 10 4.01 -0.49 -8.32
N ALA A 11 3.34 -0.38 -7.16
CA ALA A 11 2.88 -1.56 -6.40
C ALA A 11 1.37 -1.85 -6.60
N ALA A 12 1.05 -2.42 -7.77
CA ALA A 12 -0.35 -2.75 -8.14
C ALA A 12 -1.04 -3.84 -7.27
N MET A 13 -0.34 -4.93 -6.93
CA MET A 13 -0.87 -5.97 -6.00
C MET A 13 -1.08 -5.50 -4.51
N CYS A 14 -0.10 -4.73 -3.97
CA CYS A 14 -0.24 -4.01 -2.68
C CYS A 14 -1.46 -3.03 -2.60
N GLU A 15 -1.59 -2.12 -3.58
CA GLU A 15 -2.72 -1.16 -3.67
C GLU A 15 -4.10 -1.79 -4.06
N ALA A 16 -4.15 -2.79 -4.96
CA ALA A 16 -5.40 -3.56 -5.26
C ALA A 16 -5.99 -4.39 -4.09
N GLY A 17 -5.15 -5.10 -3.30
CA GLY A 17 -5.58 -5.64 -1.98
C GLY A 17 -6.06 -4.63 -0.92
N CYS A 18 -5.35 -3.51 -0.75
CA CYS A 18 -5.84 -2.37 0.05
C CYS A 18 -7.15 -1.67 -0.41
N LYS A 19 -7.38 -1.48 -1.71
CA LYS A 19 -8.70 -1.06 -2.26
C LYS A 19 -9.83 -2.14 -2.25
N GLY A 20 -9.51 -3.43 -2.45
CA GLY A 20 -10.44 -4.53 -2.12
C GLY A 20 -11.01 -4.60 -0.67
N LEU A 21 -10.15 -4.39 0.33
CA LEU A 21 -10.59 -4.00 1.70
C LEU A 21 -11.28 -2.58 1.79
N GLY A 22 -10.69 -1.55 1.17
CA GLY A 22 -11.29 -0.20 1.05
C GLY A 22 -10.76 0.90 1.99
N LYS A 23 -9.43 0.96 2.22
CA LYS A 23 -8.88 1.75 3.37
C LYS A 23 -7.88 2.84 2.92
N SER A 24 -6.65 2.50 2.47
CA SER A 24 -5.67 3.52 1.98
C SER A 24 -4.51 2.86 1.17
N MET A 25 -4.20 3.49 0.03
CA MET A 25 -3.21 2.99 -0.95
C MET A 25 -2.05 4.05 -1.06
N GLU A 26 -0.90 3.75 -0.45
CA GLU A 26 0.20 4.74 -0.32
C GLU A 26 1.55 4.15 -0.83
N SER A 27 1.70 4.04 -2.18
CA SER A 27 2.97 3.59 -2.80
C SER A 27 3.86 4.73 -3.39
N CYS A 28 5.17 4.44 -3.41
CA CYS A 28 6.23 5.41 -3.80
C CYS A 28 6.45 6.66 -2.89
N GLN A 29 5.97 6.62 -1.64
CA GLN A 29 6.14 7.73 -0.66
C GLN A 29 7.61 7.98 -0.20
N GLY A 30 8.37 6.91 0.04
CA GLY A 30 9.85 6.97 0.01
C GLY A 30 10.48 5.62 -0.41
N ASP A 31 10.19 5.18 -1.65
CA ASP A 31 10.42 3.77 -2.10
C ASP A 31 9.78 2.71 -1.12
N THR A 32 8.44 2.67 -1.07
CA THR A 32 7.69 2.00 0.03
C THR A 32 6.19 1.96 -0.39
N CYS A 33 5.56 0.77 -0.28
CA CYS A 33 4.09 0.65 -0.35
C CYS A 33 3.51 0.45 1.07
N LYS A 34 2.96 1.52 1.64
CA LYS A 34 2.12 1.46 2.86
C LYS A 34 0.66 1.06 2.48
N CYS A 35 0.33 -0.22 2.67
CA CYS A 35 -1.06 -0.70 2.59
C CYS A 35 -1.71 -0.66 4.00
N LYS A 36 -2.77 0.13 4.17
CA LYS A 36 -3.62 0.10 5.39
C LYS A 36 -4.55 -1.15 5.36
N ALA A 37 -4.21 -2.15 6.18
CA ALA A 37 -4.85 -3.48 6.13
C ALA A 37 -4.93 -4.05 7.55
N GLY A 1 -6.98 -1.06 8.64
CA GLY A 1 -6.47 -0.96 10.02
C GLY A 1 -4.98 -0.65 10.15
N SER A 2 -4.14 -1.68 9.99
CA SER A 2 -2.68 -1.58 10.26
C SER A 2 -1.88 -1.17 8.99
N THR A 3 -1.19 -0.02 9.06
CA THR A 3 -0.43 0.53 7.91
C THR A 3 0.98 -0.12 7.81
N GLY A 4 1.17 -0.97 6.80
CA GLY A 4 2.40 -1.77 6.63
C GLY A 4 3.37 -1.22 5.57
N PRO A 5 4.51 -0.56 5.89
CA PRO A 5 5.45 -0.02 4.87
C PRO A 5 6.36 -1.09 4.20
N GLN A 6 6.20 -1.26 2.88
CA GLN A 6 7.03 -2.20 2.08
C GLN A 6 8.34 -1.50 1.55
N THR A 7 8.89 -1.89 0.39
CA THR A 7 10.03 -1.16 -0.26
C THR A 7 9.88 -1.25 -1.80
N THR A 8 8.86 -0.56 -2.34
CA THR A 8 8.41 -0.76 -3.75
C THR A 8 7.56 0.45 -4.25
N CYS A 9 7.96 1.03 -5.41
CA CYS A 9 7.18 2.07 -6.11
C CYS A 9 5.93 1.55 -6.87
N GLN A 10 6.09 0.77 -7.96
CA GLN A 10 4.94 0.30 -8.78
C GLN A 10 4.19 -0.92 -8.18
N ALA A 11 3.47 -0.68 -7.07
CA ALA A 11 2.95 -1.77 -6.21
C ALA A 11 1.44 -2.02 -6.40
N ALA A 12 1.10 -2.69 -7.52
CA ALA A 12 -0.30 -3.03 -7.87
C ALA A 12 -1.00 -4.06 -6.93
N MET A 13 -0.32 -5.14 -6.52
CA MET A 13 -0.85 -6.11 -5.53
C MET A 13 -1.05 -5.54 -4.08
N CYS A 14 -0.09 -4.73 -3.59
CA CYS A 14 -0.23 -3.94 -2.35
C CYS A 14 -1.45 -2.96 -2.32
N GLU A 15 -1.59 -2.11 -3.35
CA GLU A 15 -2.75 -1.20 -3.50
C GLU A 15 -4.11 -1.87 -3.86
N ALA A 16 -4.15 -2.92 -4.70
CA ALA A 16 -5.38 -3.70 -4.97
C ALA A 16 -5.99 -4.47 -3.76
N GLY A 17 -5.16 -5.11 -2.91
CA GLY A 17 -5.63 -5.58 -1.58
C GLY A 17 -6.12 -4.50 -0.59
N CYS A 18 -5.40 -3.38 -0.47
CA CYS A 18 -5.88 -2.19 0.26
C CYS A 18 -7.18 -1.50 -0.24
N LYS A 19 -7.39 -1.39 -1.56
CA LYS A 19 -8.69 -0.95 -2.15
C LYS A 19 -9.82 -2.02 -2.13
N GLY A 20 -9.52 -3.33 -2.28
CA GLY A 20 -10.49 -4.42 -2.00
C GLY A 20 -11.08 -4.47 -0.56
N LEU A 21 -10.25 -4.29 0.47
CA LEU A 21 -10.72 -3.88 1.82
C LEU A 21 -11.36 -2.43 1.89
N GLY A 22 -10.78 -1.44 1.22
CA GLY A 22 -11.29 -0.05 1.17
C GLY A 22 -10.69 0.96 2.16
N LYS A 23 -9.36 0.96 2.32
CA LYS A 23 -8.70 1.63 3.47
C LYS A 23 -7.78 2.82 3.06
N SER A 24 -6.56 2.57 2.55
CA SER A 24 -5.63 3.66 2.11
C SER A 24 -4.45 3.06 1.30
N MET A 25 -4.16 3.70 0.16
CA MET A 25 -3.22 3.18 -0.86
C MET A 25 -2.05 4.20 -1.02
N GLU A 26 -0.90 3.90 -0.42
CA GLU A 26 0.23 4.87 -0.33
C GLU A 26 1.56 4.27 -0.87
N SER A 27 1.66 4.14 -2.20
CA SER A 27 2.90 3.63 -2.88
C SER A 27 3.79 4.71 -3.57
N CYS A 28 5.10 4.39 -3.63
CA CYS A 28 6.17 5.31 -4.11
C CYS A 28 6.43 6.62 -3.32
N GLN A 29 5.96 6.70 -2.07
CA GLN A 29 6.14 7.89 -1.20
C GLN A 29 7.62 8.16 -0.75
N GLY A 30 8.38 7.09 -0.45
CA GLY A 30 9.87 7.15 -0.50
C GLY A 30 10.50 5.79 -0.85
N ASP A 31 10.18 5.25 -2.04
CA ASP A 31 10.40 3.80 -2.38
C ASP A 31 9.79 2.83 -1.31
N THR A 32 8.45 2.80 -1.23
CA THR A 32 7.71 2.21 -0.07
C THR A 32 6.21 2.13 -0.47
N CYS A 33 5.59 0.96 -0.26
CA CYS A 33 4.12 0.83 -0.29
C CYS A 33 3.56 0.66 1.14
N LYS A 34 2.98 1.74 1.67
CA LYS A 34 2.15 1.69 2.89
C LYS A 34 0.69 1.25 2.53
N CYS A 35 0.39 -0.03 2.73
CA CYS A 35 -1.00 -0.53 2.69
C CYS A 35 -1.61 -0.53 4.11
N LYS A 36 -2.71 0.23 4.30
CA LYS A 36 -3.57 0.11 5.50
C LYS A 36 -4.45 -1.19 5.42
N ALA A 37 -4.06 -2.22 6.19
CA ALA A 37 -4.60 -3.58 6.04
C ALA A 37 -5.50 -3.97 7.21
N GLY A 1 -2.58 2.25 14.66
CA GLY A 1 -2.48 2.54 13.22
C GLY A 1 -2.01 1.34 12.39
N SER A 2 -2.95 0.50 11.95
CA SER A 2 -2.63 -0.78 11.27
C SER A 2 -2.26 -0.63 9.76
N THR A 3 -1.00 -0.24 9.49
CA THR A 3 -0.50 0.00 8.11
C THR A 3 0.75 -0.90 7.84
N GLY A 4 0.77 -1.57 6.68
CA GLY A 4 1.88 -2.46 6.29
C GLY A 4 2.88 -1.84 5.29
N PRO A 5 4.08 -1.33 5.68
CA PRO A 5 5.07 -0.75 4.71
C PRO A 5 5.95 -1.81 3.98
N GLN A 6 5.89 -1.81 2.64
CA GLN A 6 6.73 -2.72 1.81
C GLN A 6 8.07 -2.00 1.36
N THR A 7 8.61 -2.26 0.16
CA THR A 7 9.77 -1.48 -0.40
C THR A 7 9.64 -1.43 -1.96
N THR A 8 8.62 -0.69 -2.45
CA THR A 8 8.20 -0.76 -3.88
C THR A 8 7.36 0.48 -4.31
N CYS A 9 7.79 1.14 -5.39
CA CYS A 9 7.08 2.30 -5.99
C CYS A 9 5.80 1.96 -6.81
N GLN A 10 5.94 1.29 -7.97
CA GLN A 10 4.80 0.93 -8.85
C GLN A 10 4.06 -0.38 -8.41
N ALA A 11 3.40 -0.31 -7.24
CA ALA A 11 2.91 -1.51 -6.54
C ALA A 11 1.41 -1.79 -6.78
N ALA A 12 1.10 -2.31 -7.97
CA ALA A 12 -0.29 -2.64 -8.38
C ALA A 12 -1.00 -3.76 -7.57
N MET A 13 -0.30 -4.87 -7.24
CA MET A 13 -0.84 -5.94 -6.37
C MET A 13 -1.06 -5.52 -4.87
N CYS A 14 -0.12 -4.77 -4.29
CA CYS A 14 -0.30 -4.09 -2.97
C CYS A 14 -1.52 -3.12 -2.90
N GLU A 15 -1.61 -2.16 -3.82
CA GLU A 15 -2.74 -1.20 -3.91
C GLU A 15 -4.11 -1.82 -4.35
N ALA A 16 -4.15 -2.81 -5.26
CA ALA A 16 -5.38 -3.57 -5.57
C ALA A 16 -5.97 -4.41 -4.40
N GLY A 17 -5.15 -5.14 -3.63
CA GLY A 17 -5.56 -5.69 -2.31
C GLY A 17 -6.04 -4.67 -1.24
N CYS A 18 -5.32 -3.56 -1.08
CA CYS A 18 -5.78 -2.44 -0.23
C CYS A 18 -7.09 -1.70 -0.66
N LYS A 19 -7.34 -1.53 -1.96
CA LYS A 19 -8.68 -1.09 -2.49
C LYS A 19 -9.80 -2.18 -2.45
N GLY A 20 -9.48 -3.49 -2.63
CA GLY A 20 -10.42 -4.59 -2.26
C GLY A 20 -10.91 -4.64 -0.80
N LEU A 21 -10.01 -4.46 0.17
CA LEU A 21 -10.38 -4.05 1.55
C LEU A 21 -11.09 -2.64 1.66
N GLY A 22 -10.60 -1.63 0.92
CA GLY A 22 -11.22 -0.29 0.82
C GLY A 22 -10.70 0.81 1.75
N LYS A 23 -9.39 0.85 2.06
CA LYS A 23 -8.88 1.64 3.20
C LYS A 23 -7.97 2.83 2.74
N SER A 24 -6.73 2.58 2.25
CA SER A 24 -5.82 3.65 1.75
C SER A 24 -4.61 3.01 0.99
N MET A 25 -4.30 3.59 -0.17
CA MET A 25 -3.28 3.07 -1.10
C MET A 25 -2.10 4.09 -1.21
N GLU A 26 -0.96 3.78 -0.58
CA GLU A 26 0.15 4.75 -0.43
C GLU A 26 1.50 4.13 -0.92
N SER A 27 1.67 3.98 -2.26
CA SER A 27 2.93 3.52 -2.87
C SER A 27 3.85 4.65 -3.40
N CYS A 28 5.17 4.35 -3.39
CA CYS A 28 6.24 5.33 -3.66
C CYS A 28 6.44 6.53 -2.68
N GLN A 29 5.82 6.47 -1.50
CA GLN A 29 5.88 7.53 -0.46
C GLN A 29 7.28 7.76 0.19
N GLY A 30 8.05 6.68 0.40
CA GLY A 30 9.53 6.77 0.44
C GLY A 30 10.21 5.51 -0.10
N ASP A 31 9.98 5.18 -1.39
CA ASP A 31 10.24 3.82 -1.96
C ASP A 31 9.63 2.65 -1.11
N THR A 32 8.29 2.60 -1.04
CA THR A 32 7.55 1.86 0.02
C THR A 32 6.05 1.84 -0.37
N CYS A 33 5.42 0.65 -0.34
CA CYS A 33 3.95 0.54 -0.41
C CYS A 33 3.36 0.37 1.02
N LYS A 34 2.85 1.47 1.56
CA LYS A 34 2.03 1.45 2.79
C LYS A 34 0.56 1.12 2.45
N CYS A 35 0.19 -0.16 2.64
CA CYS A 35 -1.22 -0.59 2.59
C CYS A 35 -1.86 -0.48 4.00
N LYS A 36 -2.91 0.33 4.13
CA LYS A 36 -3.74 0.36 5.36
C LYS A 36 -4.65 -0.89 5.46
N ALA A 37 -4.38 -1.72 6.46
CA ALA A 37 -5.11 -2.98 6.69
C ALA A 37 -5.03 -3.33 8.18
N GLY A 1 -6.68 -0.86 10.34
CA GLY A 1 -5.98 -1.06 11.63
C GLY A 1 -4.51 -0.67 11.61
N SER A 2 -3.66 -1.54 11.06
CA SER A 2 -2.19 -1.31 10.99
C SER A 2 -1.71 -0.98 9.55
N THR A 3 -0.92 0.08 9.39
CA THR A 3 -0.29 0.41 8.07
C THR A 3 1.02 -0.41 7.87
N GLY A 4 1.09 -1.13 6.73
CA GLY A 4 2.23 -2.01 6.43
C GLY A 4 3.21 -1.43 5.39
N PRO A 5 4.39 -0.83 5.75
CA PRO A 5 5.35 -0.29 4.74
C PRO A 5 6.24 -1.36 4.06
N GLN A 6 6.13 -1.46 2.73
CA GLN A 6 6.96 -2.42 1.93
C GLN A 6 8.28 -1.73 1.42
N THR A 7 8.79 -2.03 0.22
CA THR A 7 9.92 -1.27 -0.40
C THR A 7 9.76 -1.30 -1.96
N THR A 8 8.72 -0.60 -2.47
CA THR A 8 8.28 -0.75 -3.88
C THR A 8 7.42 0.46 -4.37
N CYS A 9 7.83 1.06 -5.50
CA CYS A 9 7.10 2.17 -6.14
C CYS A 9 5.84 1.78 -6.96
N GLN A 10 5.98 1.01 -8.06
CA GLN A 10 4.83 0.58 -8.91
C GLN A 10 4.12 -0.70 -8.36
N ALA A 11 3.46 -0.56 -7.20
CA ALA A 11 2.97 -1.72 -6.42
C ALA A 11 1.46 -1.99 -6.62
N ALA A 12 1.12 -2.58 -7.77
CA ALA A 12 -0.28 -2.91 -8.12
C ALA A 12 -0.98 -3.99 -7.23
N MET A 13 -0.29 -5.07 -6.87
CA MET A 13 -0.82 -6.10 -5.93
C MET A 13 -1.01 -5.60 -4.44
N CYS A 14 -0.04 -4.83 -3.92
CA CYS A 14 -0.19 -4.08 -2.64
C CYS A 14 -1.40 -3.10 -2.58
N GLU A 15 -1.51 -2.19 -3.57
CA GLU A 15 -2.64 -1.24 -3.68
C GLU A 15 -4.02 -1.87 -4.05
N ALA A 16 -4.08 -2.91 -4.91
CA ALA A 16 -5.33 -3.67 -5.17
C ALA A 16 -5.90 -4.47 -3.95
N GLY A 17 -5.05 -5.15 -3.16
CA GLY A 17 -5.46 -5.64 -1.81
C GLY A 17 -5.94 -4.59 -0.79
N CYS A 18 -5.22 -3.46 -0.68
CA CYS A 18 -5.69 -2.29 0.11
C CYS A 18 -7.01 -1.61 -0.35
N LYS A 19 -7.26 -1.47 -1.67
CA LYS A 19 -8.59 -1.06 -2.20
C LYS A 19 -9.72 -2.15 -2.15
N GLY A 20 -9.39 -3.45 -2.24
CA GLY A 20 -10.33 -4.54 -1.88
C GLY A 20 -10.86 -4.55 -0.42
N LEU A 21 -9.99 -4.33 0.57
CA LEU A 21 -10.40 -3.86 1.92
C LEU A 21 -11.10 -2.44 1.96
N GLY A 22 -10.59 -1.48 1.19
CA GLY A 22 -11.21 -0.15 1.01
C GLY A 22 -10.64 1.01 1.85
N LYS A 23 -9.31 1.05 2.07
CA LYS A 23 -8.72 1.91 3.14
C LYS A 23 -7.88 3.08 2.54
N SER A 24 -6.59 2.88 2.19
CA SER A 24 -5.74 3.94 1.61
C SER A 24 -4.46 3.33 0.94
N MET A 25 -4.20 3.77 -0.29
CA MET A 25 -3.16 3.17 -1.16
C MET A 25 -1.98 4.17 -1.32
N GLU A 26 -0.84 3.88 -0.67
CA GLU A 26 0.33 4.80 -0.66
C GLU A 26 1.62 4.10 -1.16
N SER A 27 1.72 3.84 -2.48
CA SER A 27 2.99 3.37 -3.11
C SER A 27 3.87 4.50 -3.69
N CYS A 28 5.19 4.26 -3.63
CA CYS A 28 6.25 5.27 -3.90
C CYS A 28 6.35 6.50 -2.93
N GLN A 29 5.64 6.47 -1.80
CA GLN A 29 5.61 7.57 -0.80
C GLN A 29 6.96 7.85 -0.06
N GLY A 30 7.76 6.80 0.20
CA GLY A 30 9.23 6.95 0.28
C GLY A 30 9.93 5.69 -0.28
N ASP A 31 9.83 5.46 -1.61
CA ASP A 31 10.18 4.15 -2.25
C ASP A 31 9.60 2.88 -1.51
N THR A 32 8.28 2.88 -1.27
CA THR A 32 7.65 2.14 -0.15
C THR A 32 6.13 2.05 -0.46
N CYS A 33 5.55 0.84 -0.38
CA CYS A 33 4.08 0.67 -0.39
C CYS A 33 3.53 0.55 1.04
N LYS A 34 3.00 1.67 1.53
CA LYS A 34 2.21 1.72 2.78
C LYS A 34 0.73 1.34 2.49
N CYS A 35 0.40 0.07 2.73
CA CYS A 35 -1.01 -0.39 2.70
C CYS A 35 -1.65 -0.28 4.10
N LYS A 36 -2.71 0.54 4.22
CA LYS A 36 -3.53 0.59 5.46
C LYS A 36 -4.46 -0.65 5.59
N ALA A 37 -4.12 -1.55 6.53
CA ALA A 37 -4.79 -2.85 6.66
C ALA A 37 -4.58 -3.36 8.09
N GLY A 1 -3.98 3.46 10.76
CA GLY A 1 -4.76 2.33 11.34
C GLY A 1 -4.37 0.97 10.76
N SER A 2 -3.36 0.33 11.35
CA SER A 2 -2.75 -0.94 10.84
C SER A 2 -2.06 -0.80 9.44
N THR A 3 -0.97 -0.02 9.38
CA THR A 3 -0.28 0.32 8.10
C THR A 3 0.96 -0.59 7.90
N GLY A 4 0.97 -1.35 6.80
CA GLY A 4 2.06 -2.28 6.46
C GLY A 4 3.05 -1.73 5.41
N PRO A 5 4.29 -1.27 5.74
CA PRO A 5 5.26 -0.73 4.72
C PRO A 5 6.09 -1.81 3.99
N GLN A 6 6.02 -1.81 2.65
CA GLN A 6 6.86 -2.71 1.79
C GLN A 6 8.18 -2.00 1.33
N THR A 7 8.71 -2.25 0.12
CA THR A 7 9.85 -1.47 -0.44
C THR A 7 9.72 -1.42 -2.00
N THR A 8 8.68 -0.69 -2.49
CA THR A 8 8.26 -0.79 -3.92
C THR A 8 7.42 0.46 -4.34
N CYS A 9 7.83 1.11 -5.44
CA CYS A 9 7.12 2.26 -6.04
C CYS A 9 5.83 1.93 -6.84
N GLN A 10 5.96 1.25 -8.00
CA GLN A 10 4.78 0.92 -8.86
C GLN A 10 4.04 -0.38 -8.43
N ALA A 11 3.40 -0.32 -7.25
CA ALA A 11 2.91 -1.53 -6.55
C ALA A 11 1.38 -1.76 -6.73
N ALA A 12 1.01 -2.24 -7.94
CA ALA A 12 -0.40 -2.52 -8.29
C ALA A 12 -1.08 -3.67 -7.49
N MET A 13 -0.38 -4.79 -7.25
CA MET A 13 -0.91 -5.90 -6.40
C MET A 13 -1.05 -5.56 -4.87
N CYS A 14 -0.07 -4.82 -4.30
CA CYS A 14 -0.20 -4.18 -2.96
C CYS A 14 -1.44 -3.25 -2.81
N GLU A 15 -1.57 -2.25 -3.68
CA GLU A 15 -2.70 -1.29 -3.67
C GLU A 15 -4.09 -1.85 -4.12
N ALA A 16 -4.16 -2.80 -5.06
CA ALA A 16 -5.41 -3.53 -5.37
C ALA A 16 -5.97 -4.43 -4.22
N GLY A 17 -5.11 -5.23 -3.54
CA GLY A 17 -5.46 -5.84 -2.23
C GLY A 17 -5.85 -4.88 -1.09
N CYS A 18 -5.12 -3.78 -0.91
CA CYS A 18 -5.48 -2.70 0.02
C CYS A 18 -6.82 -1.94 -0.26
N LYS A 19 -7.17 -1.66 -1.54
CA LYS A 19 -8.52 -1.20 -1.94
C LYS A 19 -9.64 -2.28 -1.88
N GLY A 20 -9.35 -3.57 -2.12
CA GLY A 20 -10.25 -4.69 -1.71
C GLY A 20 -10.68 -4.75 -0.22
N LEU A 21 -9.73 -4.58 0.71
CA LEU A 21 -10.04 -4.19 2.12
C LEU A 21 -10.71 -2.77 2.28
N GLY A 22 -10.20 -1.74 1.60
CA GLY A 22 -10.91 -0.45 1.41
C GLY A 22 -10.43 0.78 2.19
N LYS A 23 -9.14 0.88 2.55
CA LYS A 23 -8.70 1.84 3.59
C LYS A 23 -7.85 3.01 3.01
N SER A 24 -6.58 2.78 2.62
CA SER A 24 -5.72 3.83 2.01
C SER A 24 -4.49 3.20 1.26
N MET A 25 -4.29 3.64 0.02
CA MET A 25 -3.26 3.09 -0.89
C MET A 25 -2.09 4.11 -1.05
N GLU A 26 -0.90 3.76 -0.52
CA GLU A 26 0.23 4.73 -0.42
C GLU A 26 1.57 4.10 -0.96
N SER A 27 1.70 3.96 -2.29
CA SER A 27 2.98 3.50 -2.91
C SER A 27 3.88 4.63 -3.46
N CYS A 28 5.21 4.34 -3.45
CA CYS A 28 6.28 5.32 -3.76
C CYS A 28 6.47 6.54 -2.80
N GLN A 29 5.83 6.53 -1.63
CA GLN A 29 5.89 7.64 -0.65
C GLN A 29 7.27 7.87 0.04
N GLY A 30 8.02 6.77 0.31
CA GLY A 30 9.50 6.85 0.39
C GLY A 30 10.18 5.57 -0.15
N ASP A 31 9.96 5.25 -1.45
CA ASP A 31 10.27 3.90 -2.03
C ASP A 31 9.66 2.71 -1.20
N THR A 32 8.33 2.63 -1.12
CA THR A 32 7.62 1.88 -0.06
C THR A 32 6.10 1.84 -0.44
N CYS A 33 5.49 0.66 -0.39
CA CYS A 33 4.01 0.53 -0.43
C CYS A 33 3.46 0.36 1.00
N LYS A 34 2.94 1.46 1.54
CA LYS A 34 2.19 1.47 2.82
C LYS A 34 0.69 1.13 2.57
N CYS A 35 0.33 -0.13 2.86
CA CYS A 35 -1.07 -0.55 2.87
C CYS A 35 -1.68 -0.37 4.29
N LYS A 36 -2.65 0.53 4.42
CA LYS A 36 -3.58 0.52 5.60
C LYS A 36 -4.57 -0.67 5.44
N ALA A 37 -4.42 -1.68 6.30
CA ALA A 37 -5.08 -3.00 6.10
C ALA A 37 -6.21 -3.19 7.10
N GLY A 1 -3.13 -3.40 13.76
CA GLY A 1 -2.40 -3.28 12.48
C GLY A 1 -3.04 -2.30 11.50
N SER A 2 -2.62 -1.02 11.56
CA SER A 2 -3.15 0.04 10.66
C SER A 2 -2.34 0.11 9.34
N THR A 3 -1.26 0.89 9.25
CA THR A 3 -0.51 1.08 7.96
C THR A 3 0.74 0.17 7.90
N GLY A 4 0.79 -0.70 6.89
CA GLY A 4 1.94 -1.61 6.65
C GLY A 4 2.92 -1.11 5.57
N PRO A 5 4.13 -0.59 5.87
CA PRO A 5 5.10 -0.11 4.83
C PRO A 5 5.97 -1.23 4.20
N GLN A 6 5.90 -1.36 2.87
CA GLN A 6 6.73 -2.34 2.11
C GLN A 6 8.06 -1.68 1.59
N THR A 7 8.59 -2.04 0.41
CA THR A 7 9.77 -1.33 -0.20
C THR A 7 9.65 -1.40 -1.77
N THR A 8 8.64 -0.69 -2.32
CA THR A 8 8.24 -0.85 -3.74
C THR A 8 7.43 0.38 -4.27
N CYS A 9 7.88 0.95 -5.40
CA CYS A 9 7.21 2.08 -6.07
C CYS A 9 5.95 1.72 -6.91
N GLN A 10 6.09 0.96 -8.02
CA GLN A 10 4.94 0.58 -8.89
C GLN A 10 4.17 -0.68 -8.38
N ALA A 11 3.51 -0.55 -7.23
CA ALA A 11 2.98 -1.71 -6.47
C ALA A 11 1.47 -1.95 -6.67
N ALA A 12 1.12 -2.48 -7.85
CA ALA A 12 -0.29 -2.78 -8.22
C ALA A 12 -0.99 -3.88 -7.37
N MET A 13 -0.31 -4.99 -7.06
CA MET A 13 -0.84 -6.05 -6.16
C MET A 13 -1.02 -5.62 -4.67
N CYS A 14 -0.06 -4.86 -4.10
CA CYS A 14 -0.22 -4.15 -2.81
C CYS A 14 -1.44 -3.21 -2.73
N GLU A 15 -1.55 -2.24 -3.66
CA GLU A 15 -2.68 -1.29 -3.71
C GLU A 15 -4.06 -1.88 -4.15
N ALA A 16 -4.11 -2.89 -5.04
CA ALA A 16 -5.36 -3.65 -5.32
C ALA A 16 -5.91 -4.49 -4.14
N GLY A 17 -5.06 -5.22 -3.39
CA GLY A 17 -5.44 -5.78 -2.07
C GLY A 17 -5.86 -4.77 -0.98
N CYS A 18 -5.13 -3.65 -0.85
CA CYS A 18 -5.53 -2.52 0.03
C CYS A 18 -6.88 -1.80 -0.33
N LYS A 19 -7.19 -1.59 -1.61
CA LYS A 19 -8.54 -1.18 -2.08
C LYS A 19 -9.66 -2.27 -2.00
N GLY A 20 -9.33 -3.57 -2.16
CA GLY A 20 -10.22 -4.68 -1.76
C GLY A 20 -10.70 -4.71 -0.28
N LEU A 21 -9.79 -4.45 0.67
CA LEU A 21 -10.17 -4.00 2.04
C LEU A 21 -10.89 -2.60 2.08
N GLY A 22 -10.35 -1.58 1.41
CA GLY A 22 -11.04 -0.29 1.15
C GLY A 22 -10.60 0.94 1.94
N LYS A 23 -9.29 1.08 2.26
CA LYS A 23 -8.83 2.07 3.26
C LYS A 23 -7.99 3.22 2.60
N SER A 24 -6.70 3.01 2.25
CA SER A 24 -5.88 4.03 1.56
C SER A 24 -4.63 3.37 0.89
N MET A 25 -4.31 3.85 -0.32
CA MET A 25 -3.29 3.23 -1.20
C MET A 25 -2.10 4.24 -1.41
N GLU A 26 -0.93 3.91 -0.86
CA GLU A 26 0.23 4.85 -0.85
C GLU A 26 1.55 4.15 -1.29
N SER A 27 1.71 3.89 -2.61
CA SER A 27 2.99 3.41 -3.18
C SER A 27 3.92 4.51 -3.74
N CYS A 28 5.23 4.22 -3.68
CA CYS A 28 6.31 5.21 -3.95
C CYS A 28 6.46 6.44 -2.99
N GLN A 29 5.80 6.39 -1.82
CA GLN A 29 5.83 7.47 -0.80
C GLN A 29 7.22 7.76 -0.15
N GLY A 30 8.04 6.72 0.06
CA GLY A 30 9.51 6.88 0.09
C GLY A 30 10.23 5.61 -0.40
N ASP A 31 10.00 5.22 -1.68
CA ASP A 31 10.27 3.83 -2.18
C ASP A 31 9.63 2.73 -1.25
N THR A 32 8.30 2.68 -1.20
CA THR A 32 7.55 2.03 -0.08
C THR A 32 6.05 1.97 -0.49
N CYS A 33 5.43 0.79 -0.36
CA CYS A 33 3.95 0.66 -0.41
C CYS A 33 3.38 0.62 1.03
N LYS A 34 2.89 1.79 1.46
CA LYS A 34 2.09 1.93 2.70
C LYS A 34 0.61 1.50 2.42
N CYS A 35 0.29 0.26 2.77
CA CYS A 35 -1.11 -0.22 2.75
C CYS A 35 -1.77 -0.02 4.13
N LYS A 36 -2.81 0.82 4.19
CA LYS A 36 -3.71 0.87 5.35
C LYS A 36 -4.69 -0.35 5.34
N ALA A 37 -4.57 -1.19 6.37
CA ALA A 37 -5.35 -2.43 6.49
C ALA A 37 -6.06 -2.45 7.85
N GLY A 1 -6.98 0.64 12.00
CA GLY A 1 -6.36 -0.62 11.53
C GLY A 1 -4.86 -0.71 11.84
N SER A 2 -4.04 -0.89 10.80
CA SER A 2 -2.56 -0.98 10.94
C SER A 2 -1.87 -0.86 9.54
N THR A 3 -0.94 0.09 9.38
CA THR A 3 -0.28 0.35 8.08
C THR A 3 1.00 -0.55 7.89
N GLY A 4 1.05 -1.26 6.76
CA GLY A 4 2.19 -2.14 6.41
C GLY A 4 3.16 -1.52 5.38
N PRO A 5 4.34 -0.96 5.73
CA PRO A 5 5.30 -0.38 4.72
C PRO A 5 6.19 -1.45 4.01
N GLN A 6 6.08 -1.52 2.68
CA GLN A 6 6.92 -2.45 1.86
C GLN A 6 8.23 -1.75 1.36
N THR A 7 8.76 -2.06 0.16
CA THR A 7 9.90 -1.30 -0.45
C THR A 7 9.74 -1.32 -2.00
N THR A 8 8.71 -0.61 -2.51
CA THR A 8 8.27 -0.74 -3.93
C THR A 8 7.41 0.49 -4.39
N CYS A 9 7.81 1.10 -5.51
CA CYS A 9 7.07 2.22 -6.14
C CYS A 9 5.80 1.82 -6.93
N GLN A 10 5.92 1.12 -8.06
CA GLN A 10 4.77 0.71 -8.91
C GLN A 10 4.06 -0.59 -8.41
N ALA A 11 3.40 -0.47 -7.25
CA ALA A 11 2.93 -1.65 -6.48
C ALA A 11 1.42 -1.93 -6.68
N ALA A 12 1.09 -2.51 -7.85
CA ALA A 12 -0.30 -2.85 -8.21
C ALA A 12 -0.99 -3.93 -7.35
N MET A 13 -0.29 -5.02 -7.00
CA MET A 13 -0.81 -6.05 -6.06
C MET A 13 -1.01 -5.57 -4.57
N CYS A 14 -0.05 -4.79 -4.04
CA CYS A 14 -0.21 -4.05 -2.76
C CYS A 14 -1.43 -3.10 -2.70
N GLU A 15 -1.55 -2.16 -3.65
CA GLU A 15 -2.69 -1.22 -3.76
C GLU A 15 -4.06 -1.86 -4.17
N ALA A 16 -4.10 -2.88 -5.04
CA ALA A 16 -5.34 -3.65 -5.31
C ALA A 16 -5.91 -4.46 -4.10
N GLY A 17 -5.07 -5.17 -3.33
CA GLY A 17 -5.46 -5.67 -1.99
C GLY A 17 -5.92 -4.63 -0.94
N CYS A 18 -5.21 -3.50 -0.83
CA CYS A 18 -5.64 -2.34 -0.01
C CYS A 18 -6.97 -1.64 -0.42
N LYS A 19 -7.26 -1.50 -1.72
CA LYS A 19 -8.61 -1.10 -2.22
C LYS A 19 -9.71 -2.19 -2.13
N GLY A 20 -9.40 -3.49 -2.29
CA GLY A 20 -10.31 -4.59 -1.88
C GLY A 20 -10.76 -4.61 -0.39
N LEU A 21 -9.82 -4.40 0.54
CA LEU A 21 -10.15 -3.96 1.92
C LEU A 21 -10.86 -2.55 2.04
N GLY A 22 -10.42 -1.55 1.26
CA GLY A 22 -11.08 -0.25 1.13
C GLY A 22 -10.55 0.92 1.98
N LYS A 23 -9.23 0.98 2.26
CA LYS A 23 -8.70 1.80 3.36
C LYS A 23 -7.77 2.97 2.88
N SER A 24 -6.54 2.70 2.39
CA SER A 24 -5.62 3.75 1.89
C SER A 24 -4.44 3.10 1.10
N MET A 25 -4.18 3.66 -0.08
CA MET A 25 -3.23 3.09 -1.07
C MET A 25 -2.05 4.09 -1.29
N GLU A 26 -0.92 3.82 -0.65
CA GLU A 26 0.21 4.81 -0.58
C GLU A 26 1.55 4.19 -1.06
N SER A 27 1.69 3.99 -2.39
CA SER A 27 2.96 3.53 -3.00
C SER A 27 3.84 4.64 -3.60
N CYS A 28 5.16 4.38 -3.59
CA CYS A 28 6.22 5.35 -3.97
C CYS A 28 6.42 6.62 -3.07
N GLN A 29 5.84 6.63 -1.87
CA GLN A 29 5.94 7.78 -0.91
C GLN A 29 7.37 8.02 -0.33
N GLY A 30 8.14 6.96 -0.06
CA GLY A 30 9.62 7.04 -0.03
C GLY A 30 10.28 5.72 -0.48
N ASP A 31 10.04 5.31 -1.74
CA ASP A 31 10.33 3.91 -2.22
C ASP A 31 9.72 2.80 -1.30
N THR A 32 8.39 2.74 -1.21
CA THR A 32 7.67 2.05 -0.10
C THR A 32 6.16 2.00 -0.50
N CYS A 33 5.54 0.81 -0.38
CA CYS A 33 4.07 0.67 -0.43
C CYS A 33 3.51 0.54 1.00
N LYS A 34 2.96 1.64 1.51
CA LYS A 34 2.16 1.65 2.75
C LYS A 34 0.68 1.28 2.44
N CYS A 35 0.34 0.01 2.68
CA CYS A 35 -1.05 -0.44 2.68
C CYS A 35 -1.67 -0.33 4.10
N LYS A 36 -2.73 0.47 4.25
CA LYS A 36 -3.55 0.46 5.48
C LYS A 36 -4.46 -0.79 5.57
N ALA A 37 -4.19 -1.65 6.56
CA ALA A 37 -4.91 -2.92 6.75
C ALA A 37 -5.01 -3.18 8.25
N GLY A 1 0.42 -1.14 13.29
CA GLY A 1 -0.80 -1.97 13.32
C GLY A 1 -1.49 -2.12 11.97
N SER A 2 -2.34 -1.15 11.62
CA SER A 2 -3.10 -1.18 10.33
C SER A 2 -2.29 -0.81 9.06
N THR A 3 -1.47 0.26 9.07
CA THR A 3 -0.67 0.66 7.88
C THR A 3 0.67 -0.11 7.82
N GLY A 4 0.82 -0.94 6.79
CA GLY A 4 2.01 -1.80 6.60
C GLY A 4 3.03 -1.24 5.57
N PRO A 5 4.18 -0.62 5.94
CA PRO A 5 5.16 -0.09 4.94
C PRO A 5 6.08 -1.16 4.29
N GLN A 6 5.97 -1.30 2.97
CA GLN A 6 6.81 -2.27 2.19
C GLN A 6 8.14 -1.59 1.68
N THR A 7 8.69 -1.95 0.51
CA THR A 7 9.83 -1.23 -0.12
C THR A 7 9.69 -1.30 -1.67
N THR A 8 8.67 -0.63 -2.23
CA THR A 8 8.25 -0.83 -3.64
C THR A 8 7.40 0.37 -4.18
N CYS A 9 7.82 0.92 -5.33
CA CYS A 9 7.12 2.01 -6.03
C CYS A 9 5.85 1.59 -6.83
N GLN A 10 6.01 0.80 -7.92
CA GLN A 10 4.87 0.35 -8.76
C GLN A 10 4.14 -0.91 -8.18
N ALA A 11 3.47 -0.73 -7.04
CA ALA A 11 2.97 -1.85 -6.22
C ALA A 11 1.46 -2.13 -6.44
N ALA A 12 1.15 -2.78 -7.58
CA ALA A 12 -0.23 -3.12 -7.97
C ALA A 12 -0.96 -4.15 -7.04
N MET A 13 -0.28 -5.23 -6.61
CA MET A 13 -0.83 -6.21 -5.65
C MET A 13 -1.07 -5.63 -4.19
N CYS A 14 -0.12 -4.84 -3.68
CA CYS A 14 -0.29 -4.04 -2.44
C CYS A 14 -1.50 -3.05 -2.45
N GLU A 15 -1.58 -2.20 -3.47
CA GLU A 15 -2.71 -1.25 -3.66
C GLU A 15 -4.08 -1.90 -4.05
N ALA A 16 -4.11 -2.95 -4.89
CA ALA A 16 -5.36 -3.71 -5.16
C ALA A 16 -6.00 -4.46 -3.96
N GLY A 17 -5.21 -5.12 -3.09
CA GLY A 17 -5.69 -5.56 -1.76
C GLY A 17 -6.19 -4.46 -0.79
N CYS A 18 -5.46 -3.35 -0.68
CA CYS A 18 -5.93 -2.14 0.04
C CYS A 18 -7.24 -1.48 -0.49
N LYS A 19 -7.42 -1.35 -1.81
CA LYS A 19 -8.70 -0.91 -2.43
C LYS A 19 -9.84 -1.98 -2.42
N GLY A 20 -9.54 -3.29 -2.53
CA GLY A 20 -10.53 -4.37 -2.23
C GLY A 20 -11.15 -4.38 -0.83
N LEU A 21 -10.35 -4.16 0.23
CA LEU A 21 -10.85 -3.71 1.55
C LEU A 21 -11.52 -2.28 1.56
N GLY A 22 -10.92 -1.30 0.87
CA GLY A 22 -11.48 0.05 0.71
C GLY A 22 -10.86 1.17 1.58
N LYS A 23 -9.52 1.19 1.70
CA LYS A 23 -8.85 1.91 2.81
C LYS A 23 -7.96 3.10 2.30
N SER A 24 -6.66 2.91 2.01
CA SER A 24 -5.77 3.98 1.51
C SER A 24 -4.51 3.37 0.84
N MET A 25 -4.24 3.84 -0.39
CA MET A 25 -3.26 3.20 -1.30
C MET A 25 -2.04 4.16 -1.50
N GLU A 26 -0.94 3.88 -0.79
CA GLU A 26 0.21 4.83 -0.70
C GLU A 26 1.55 4.16 -1.15
N SER A 27 1.68 3.91 -2.47
CA SER A 27 2.96 3.41 -3.05
C SER A 27 3.87 4.50 -3.66
N CYS A 28 5.18 4.23 -3.60
CA CYS A 28 6.26 5.20 -3.93
C CYS A 28 6.41 6.48 -3.04
N GLN A 29 5.77 6.49 -1.86
CA GLN A 29 5.79 7.65 -0.92
C GLN A 29 7.17 7.97 -0.27
N GLY A 30 7.97 6.94 0.02
CA GLY A 30 9.45 7.08 0.07
C GLY A 30 10.17 5.80 -0.34
N ASP A 31 9.96 5.35 -1.61
CA ASP A 31 10.26 3.95 -2.05
C ASP A 31 9.65 2.86 -1.10
N THR A 32 8.32 2.79 -1.05
CA THR A 32 7.57 2.14 0.07
C THR A 32 6.08 2.06 -0.35
N CYS A 33 5.46 0.87 -0.20
CA CYS A 33 3.99 0.74 -0.26
C CYS A 33 3.39 0.64 1.16
N LYS A 34 2.83 1.76 1.62
CA LYS A 34 1.99 1.80 2.84
C LYS A 34 0.53 1.41 2.50
N CYS A 35 0.20 0.12 2.68
CA CYS A 35 -1.20 -0.35 2.62
C CYS A 35 -1.85 -0.27 4.03
N LYS A 36 -2.90 0.57 4.15
CA LYS A 36 -3.80 0.50 5.33
C LYS A 36 -4.74 -0.72 5.24
N ALA A 37 -4.51 -1.72 6.11
CA ALA A 37 -5.27 -2.99 6.09
C ALA A 37 -6.04 -3.14 7.40
N GLY A 1 -0.33 -4.03 11.62
CA GLY A 1 -1.66 -3.76 12.20
C GLY A 1 -2.44 -2.66 11.47
N SER A 2 -2.13 -1.39 11.81
CA SER A 2 -2.84 -0.22 11.23
C SER A 2 -2.42 0.09 9.77
N THR A 3 -1.19 0.60 9.52
CA THR A 3 -0.65 0.76 8.14
C THR A 3 0.59 -0.16 7.96
N GLY A 4 0.64 -0.88 6.84
CA GLY A 4 1.76 -1.79 6.51
C GLY A 4 2.78 -1.21 5.50
N PRO A 5 3.97 -0.66 5.90
CA PRO A 5 4.97 -0.12 4.92
C PRO A 5 5.87 -1.19 4.26
N GLN A 6 5.78 -1.31 2.92
CA GLN A 6 6.64 -2.22 2.14
C GLN A 6 7.94 -1.49 1.60
N THR A 7 8.62 -2.02 0.57
CA THR A 7 9.78 -1.35 -0.07
C THR A 7 9.66 -1.46 -1.63
N THR A 8 8.67 -0.74 -2.21
CA THR A 8 8.27 -0.92 -3.62
C THR A 8 7.47 0.32 -4.16
N CYS A 9 7.94 0.92 -5.26
CA CYS A 9 7.22 2.00 -5.97
C CYS A 9 5.99 1.53 -6.81
N GLN A 10 6.19 0.78 -7.90
CA GLN A 10 5.08 0.33 -8.80
C GLN A 10 4.29 -0.90 -8.25
N ALA A 11 3.54 -0.68 -7.16
CA ALA A 11 3.01 -1.79 -6.33
C ALA A 11 1.51 -2.08 -6.59
N ALA A 12 1.23 -2.73 -7.74
CA ALA A 12 -0.15 -3.09 -8.14
C ALA A 12 -0.86 -4.16 -7.26
N MET A 13 -0.17 -5.23 -6.85
CA MET A 13 -0.71 -6.24 -5.90
C MET A 13 -0.98 -5.71 -4.45
N CYS A 14 -0.06 -4.89 -3.90
CA CYS A 14 -0.28 -4.11 -2.65
C CYS A 14 -1.51 -3.17 -2.68
N GLU A 15 -1.60 -2.28 -3.68
CA GLU A 15 -2.75 -1.37 -3.87
C GLU A 15 -4.10 -2.05 -4.26
N ALA A 16 -4.11 -3.12 -5.08
CA ALA A 16 -5.33 -3.94 -5.32
C ALA A 16 -5.90 -4.69 -4.08
N GLY A 17 -5.06 -5.32 -3.25
CA GLY A 17 -5.47 -5.76 -1.88
C GLY A 17 -5.95 -4.66 -0.91
N CYS A 18 -5.24 -3.52 -0.85
CA CYS A 18 -5.70 -2.34 -0.09
C CYS A 18 -7.02 -1.65 -0.55
N LYS A 19 -7.29 -1.57 -1.86
CA LYS A 19 -8.61 -1.18 -2.42
C LYS A 19 -9.73 -2.28 -2.30
N GLY A 20 -9.40 -3.58 -2.37
CA GLY A 20 -10.32 -4.67 -1.92
C GLY A 20 -10.80 -4.62 -0.45
N LEU A 21 -9.90 -4.36 0.50
CA LEU A 21 -10.26 -3.84 1.84
C LEU A 21 -11.00 -2.43 1.84
N GLY A 22 -10.51 -1.48 1.04
CA GLY A 22 -11.18 -0.18 0.81
C GLY A 22 -10.72 1.02 1.65
N LYS A 23 -9.42 1.13 1.98
CA LYS A 23 -8.96 2.04 3.06
C LYS A 23 -8.07 3.21 2.52
N SER A 24 -6.82 2.95 2.09
CA SER A 24 -5.92 4.00 1.53
C SER A 24 -4.65 3.35 0.86
N MET A 25 -4.33 3.86 -0.33
CA MET A 25 -3.25 3.31 -1.19
C MET A 25 -2.11 4.37 -1.33
N GLU A 26 -0.98 4.13 -0.64
CA GLU A 26 0.14 5.10 -0.58
C GLU A 26 1.48 4.45 -1.05
N SER A 27 1.62 4.28 -2.38
CA SER A 27 2.84 3.72 -3.01
C SER A 27 3.83 4.76 -3.58
N CYS A 28 5.12 4.37 -3.56
CA CYS A 28 6.26 5.26 -3.90
C CYS A 28 6.49 6.54 -3.02
N GLN A 29 5.91 6.57 -1.81
CA GLN A 29 6.03 7.71 -0.85
C GLN A 29 7.47 7.98 -0.33
N GLY A 30 8.23 6.90 -0.02
CA GLY A 30 9.70 6.94 -0.04
C GLY A 30 10.31 5.61 -0.51
N ASP A 31 10.01 5.20 -1.75
CA ASP A 31 10.20 3.79 -2.23
C ASP A 31 9.53 2.71 -1.30
N THR A 32 8.20 2.79 -1.15
CA THR A 32 7.44 2.05 -0.09
C THR A 32 5.94 2.05 -0.51
N CYS A 33 5.30 0.88 -0.38
CA CYS A 33 3.82 0.79 -0.40
C CYS A 33 3.28 0.71 1.04
N LYS A 34 2.82 1.87 1.53
CA LYS A 34 1.99 1.95 2.76
C LYS A 34 0.51 1.59 2.43
N CYS A 35 0.13 0.34 2.71
CA CYS A 35 -1.27 -0.09 2.68
C CYS A 35 -1.92 0.12 4.09
N LYS A 36 -2.97 0.94 4.16
CA LYS A 36 -3.84 1.01 5.36
C LYS A 36 -4.76 -0.24 5.44
N ALA A 37 -4.60 -1.01 6.52
CA ALA A 37 -5.36 -2.26 6.74
C ALA A 37 -5.81 -2.29 8.20
N GLY A 1 -3.71 3.56 10.48
CA GLY A 1 -3.98 2.66 11.62
C GLY A 1 -3.11 1.42 11.61
N SER A 2 -3.66 0.28 11.16
CA SER A 2 -2.87 -0.97 11.00
C SER A 2 -2.20 -1.03 9.59
N THR A 3 -1.06 -0.33 9.45
CA THR A 3 -0.43 -0.06 8.14
C THR A 3 0.84 -0.93 7.92
N GLY A 4 0.90 -1.60 6.77
CA GLY A 4 2.06 -2.45 6.39
C GLY A 4 3.04 -1.77 5.40
N PRO A 5 4.23 -1.25 5.80
CA PRO A 5 5.20 -0.61 4.85
C PRO A 5 6.09 -1.62 4.07
N GLN A 6 5.92 -1.65 2.75
CA GLN A 6 6.75 -2.50 1.85
C GLN A 6 8.02 -1.72 1.32
N THR A 7 8.68 -2.22 0.26
CA THR A 7 9.83 -1.50 -0.39
C THR A 7 9.65 -1.55 -1.94
N THR A 8 8.66 -0.80 -2.46
CA THR A 8 8.21 -0.92 -3.87
C THR A 8 7.42 0.36 -4.31
N CYS A 9 7.87 1.00 -5.41
CA CYS A 9 7.17 2.16 -6.01
C CYS A 9 5.92 1.81 -6.86
N GLN A 10 6.06 1.14 -8.01
CA GLN A 10 4.90 0.80 -8.89
C GLN A 10 4.11 -0.47 -8.42
N ALA A 11 3.41 -0.34 -7.28
CA ALA A 11 2.89 -1.50 -6.53
C ALA A 11 1.38 -1.76 -6.76
N ALA A 12 1.05 -2.28 -7.95
CA ALA A 12 -0.35 -2.60 -8.32
C ALA A 12 -1.04 -3.73 -7.51
N MET A 13 -0.34 -4.84 -7.23
CA MET A 13 -0.86 -5.94 -6.36
C MET A 13 -1.07 -5.55 -4.86
N CYS A 14 -0.12 -4.79 -4.26
CA CYS A 14 -0.28 -4.13 -2.95
C CYS A 14 -1.52 -3.19 -2.86
N GLU A 15 -1.64 -2.22 -3.76
CA GLU A 15 -2.78 -1.27 -3.82
C GLU A 15 -4.15 -1.88 -4.24
N ALA A 16 -4.20 -2.87 -5.15
CA ALA A 16 -5.44 -3.63 -5.45
C ALA A 16 -6.01 -4.49 -4.27
N GLY A 17 -5.15 -5.23 -3.54
CA GLY A 17 -5.54 -5.79 -2.21
C GLY A 17 -5.98 -4.79 -1.12
N CYS A 18 -5.24 -3.68 -0.96
CA CYS A 18 -5.65 -2.56 -0.08
C CYS A 18 -6.98 -1.83 -0.43
N LYS A 19 -7.27 -1.59 -1.72
CA LYS A 19 -8.61 -1.13 -2.19
C LYS A 19 -9.74 -2.21 -2.14
N GLY A 20 -9.45 -3.50 -2.38
CA GLY A 20 -10.37 -4.61 -2.00
C GLY A 20 -10.82 -4.70 -0.52
N LEU A 21 -9.88 -4.53 0.41
CA LEU A 21 -10.20 -4.18 1.82
C LEU A 21 -10.90 -2.78 2.03
N GLY A 22 -10.44 -1.72 1.34
CA GLY A 22 -11.17 -0.44 1.23
C GLY A 22 -10.71 0.73 2.11
N LYS A 23 -9.39 0.92 2.28
CA LYS A 23 -8.85 1.84 3.32
C LYS A 23 -7.94 2.96 2.72
N SER A 24 -6.65 2.71 2.44
CA SER A 24 -5.76 3.75 1.84
C SER A 24 -4.52 3.12 1.13
N MET A 25 -4.14 3.72 0.00
CA MET A 25 -3.14 3.17 -0.93
C MET A 25 -1.96 4.19 -1.07
N GLU A 26 -0.86 3.94 -0.35
CA GLU A 26 0.24 4.95 -0.20
C GLU A 26 1.58 4.39 -0.78
N SER A 27 1.69 4.40 -2.12
CA SER A 27 2.85 3.85 -2.86
C SER A 27 3.90 4.88 -3.33
N CYS A 28 5.17 4.42 -3.35
CA CYS A 28 6.36 5.27 -3.63
C CYS A 28 6.66 6.46 -2.67
N GLN A 29 6.01 6.49 -1.50
CA GLN A 29 6.08 7.62 -0.54
C GLN A 29 7.45 7.79 0.20
N GLY A 30 8.13 6.67 0.49
CA GLY A 30 9.61 6.67 0.58
C GLY A 30 10.23 5.43 -0.08
N ASP A 31 9.96 5.22 -1.39
CA ASP A 31 10.19 3.90 -2.07
C ASP A 31 9.52 2.67 -1.34
N THR A 32 8.18 2.72 -1.18
CA THR A 32 7.46 1.92 -0.16
C THR A 32 5.95 1.93 -0.54
N CYS A 33 5.32 0.76 -0.50
CA CYS A 33 3.85 0.65 -0.48
C CYS A 33 3.35 0.46 0.97
N LYS A 34 2.90 1.56 1.58
CA LYS A 34 2.13 1.52 2.84
C LYS A 34 0.64 1.17 2.55
N CYS A 35 0.30 -0.11 2.72
CA CYS A 35 -1.10 -0.56 2.69
C CYS A 35 -1.73 -0.49 4.11
N LYS A 36 -2.78 0.33 4.27
CA LYS A 36 -3.63 0.29 5.47
C LYS A 36 -4.58 -0.95 5.41
N ALA A 37 -4.37 -1.90 6.33
CA ALA A 37 -5.11 -3.17 6.37
C ALA A 37 -5.54 -3.44 7.81
N GLY A 1 -6.64 -0.60 10.10
CA GLY A 1 -5.94 -0.49 11.40
C GLY A 1 -4.42 -0.37 11.27
N SER A 2 -3.74 -1.50 11.07
CA SER A 2 -2.26 -1.54 10.99
C SER A 2 -1.74 -1.23 9.56
N THR A 3 -0.94 -0.15 9.42
CA THR A 3 -0.33 0.24 8.12
C THR A 3 0.98 -0.56 7.88
N GLY A 4 1.05 -1.25 6.73
CA GLY A 4 2.19 -2.13 6.40
C GLY A 4 3.18 -1.52 5.38
N PRO A 5 4.36 -0.93 5.75
CA PRO A 5 5.32 -0.36 4.76
C PRO A 5 6.23 -1.40 4.06
N GLN A 6 6.12 -1.48 2.73
CA GLN A 6 6.97 -2.40 1.91
C GLN A 6 8.27 -1.67 1.39
N THR A 7 8.80 -1.99 0.21
CA THR A 7 9.93 -1.22 -0.40
C THR A 7 9.77 -1.24 -1.96
N THR A 8 8.74 -0.54 -2.47
CA THR A 8 8.29 -0.68 -3.88
C THR A 8 7.42 0.53 -4.34
N CYS A 9 7.80 1.16 -5.46
CA CYS A 9 7.04 2.25 -6.10
C CYS A 9 5.76 1.82 -6.89
N GLN A 10 5.91 1.08 -8.00
CA GLN A 10 4.76 0.63 -8.83
C GLN A 10 4.06 -0.66 -8.30
N ALA A 11 3.41 -0.53 -7.14
CA ALA A 11 2.95 -1.70 -6.36
C ALA A 11 1.44 -2.01 -6.55
N ALA A 12 1.12 -2.61 -7.72
CA ALA A 12 -0.27 -2.96 -8.07
C ALA A 12 -0.96 -4.04 -7.18
N MET A 13 -0.26 -5.11 -6.81
CA MET A 13 -0.78 -6.13 -5.86
C MET A 13 -0.99 -5.62 -4.39
N CYS A 14 -0.04 -4.83 -3.85
CA CYS A 14 -0.20 -4.08 -2.59
C CYS A 14 -1.42 -3.11 -2.54
N GLU A 15 -1.53 -2.22 -3.53
CA GLU A 15 -2.66 -1.27 -3.66
C GLU A 15 -4.04 -1.91 -4.04
N ALA A 16 -4.08 -2.95 -4.91
CA ALA A 16 -5.32 -3.71 -5.17
C ALA A 16 -5.90 -4.51 -3.96
N GLY A 17 -5.08 -5.18 -3.14
CA GLY A 17 -5.50 -5.66 -1.81
C GLY A 17 -5.98 -4.61 -0.78
N CYS A 18 -5.26 -3.48 -0.67
CA CYS A 18 -5.73 -2.32 0.11
C CYS A 18 -7.05 -1.62 -0.35
N LYS A 19 -7.28 -1.47 -1.66
CA LYS A 19 -8.60 -1.06 -2.22
C LYS A 19 -9.72 -2.15 -2.16
N GLY A 20 -9.40 -3.46 -2.29
CA GLY A 20 -10.33 -4.55 -1.92
C GLY A 20 -10.86 -4.57 -0.46
N LEU A 21 -9.98 -4.31 0.52
CA LEU A 21 -10.39 -3.87 1.88
C LEU A 21 -11.13 -2.46 1.91
N GLY A 22 -10.60 -1.45 1.21
CA GLY A 22 -11.26 -0.14 1.00
C GLY A 22 -10.75 1.04 1.85
N LYS A 23 -9.43 1.16 2.07
CA LYS A 23 -8.90 2.05 3.14
C LYS A 23 -7.95 3.13 2.56
N SER A 24 -6.65 2.83 2.29
CA SER A 24 -5.72 3.84 1.72
C SER A 24 -4.50 3.19 1.02
N MET A 25 -4.22 3.67 -0.19
CA MET A 25 -3.19 3.10 -1.08
C MET A 25 -2.02 4.12 -1.23
N GLU A 26 -0.90 3.86 -0.55
CA GLU A 26 0.25 4.80 -0.50
C GLU A 26 1.56 4.14 -0.99
N SER A 27 1.69 3.93 -2.33
CA SER A 27 2.95 3.48 -2.95
C SER A 27 3.81 4.63 -3.55
N CYS A 28 5.14 4.38 -3.56
CA CYS A 28 6.17 5.38 -3.92
C CYS A 28 6.33 6.64 -3.02
N GLN A 29 5.83 6.59 -1.77
CA GLN A 29 5.97 7.68 -0.77
C GLN A 29 7.44 8.01 -0.34
N GLY A 30 8.25 6.96 -0.13
CA GLY A 30 9.73 7.08 -0.21
C GLY A 30 10.38 5.76 -0.64
N ASP A 31 10.07 5.28 -1.87
CA ASP A 31 10.30 3.86 -2.29
C ASP A 31 9.70 2.81 -1.28
N THR A 32 8.37 2.76 -1.19
CA THR A 32 7.65 2.11 -0.05
C THR A 32 6.14 2.03 -0.43
N CYS A 33 5.55 0.83 -0.30
CA CYS A 33 4.07 0.68 -0.34
C CYS A 33 3.51 0.54 1.08
N LYS A 34 2.96 1.65 1.60
CA LYS A 34 2.15 1.64 2.84
C LYS A 34 0.67 1.28 2.53
N CYS A 35 0.33 0.00 2.77
CA CYS A 35 -1.08 -0.44 2.74
C CYS A 35 -1.71 -0.33 4.14
N LYS A 36 -2.77 0.48 4.28
CA LYS A 36 -3.59 0.53 5.52
C LYS A 36 -4.52 -0.72 5.62
N ALA A 37 -4.17 -1.64 6.53
CA ALA A 37 -4.84 -2.96 6.64
C ALA A 37 -4.87 -3.35 8.11
N GLY A 1 0.58 -3.38 12.95
CA GLY A 1 -0.25 -2.36 13.64
C GLY A 1 -1.58 -2.07 12.92
N SER A 2 -1.52 -1.17 11.92
CA SER A 2 -2.70 -0.86 11.07
C SER A 2 -2.31 -0.50 9.61
N THR A 3 -1.48 0.53 9.37
CA THR A 3 -0.84 0.75 8.05
C THR A 3 0.44 -0.13 7.90
N GLY A 4 0.52 -0.87 6.78
CA GLY A 4 1.64 -1.79 6.50
C GLY A 4 2.66 -1.24 5.48
N PRO A 5 3.84 -0.68 5.85
CA PRO A 5 4.86 -0.18 4.87
C PRO A 5 5.76 -1.29 4.24
N GLN A 6 5.73 -1.41 2.90
CA GLN A 6 6.58 -2.38 2.16
C GLN A 6 7.93 -1.70 1.70
N THR A 7 8.51 -2.06 0.54
CA THR A 7 9.70 -1.35 -0.04
C THR A 7 9.61 -1.41 -1.60
N THR A 8 8.62 -0.69 -2.17
CA THR A 8 8.25 -0.85 -3.61
C THR A 8 7.44 0.38 -4.14
N CYS A 9 7.92 0.98 -5.24
CA CYS A 9 7.23 2.10 -5.94
C CYS A 9 5.98 1.70 -6.77
N GLN A 10 6.15 0.96 -7.88
CA GLN A 10 5.02 0.56 -8.77
C GLN A 10 4.26 -0.71 -8.28
N ALA A 11 3.55 -0.57 -7.14
CA ALA A 11 3.02 -1.73 -6.39
C ALA A 11 1.51 -1.97 -6.64
N ALA A 12 1.20 -2.53 -7.81
CA ALA A 12 -0.19 -2.83 -8.21
C ALA A 12 -0.92 -3.92 -7.36
N MET A 13 -0.24 -5.02 -7.01
CA MET A 13 -0.81 -6.07 -6.11
C MET A 13 -1.03 -5.60 -4.62
N CYS A 14 -0.08 -4.83 -4.05
CA CYS A 14 -0.26 -4.10 -2.77
C CYS A 14 -1.50 -3.15 -2.74
N GLU A 15 -1.59 -2.23 -3.70
CA GLU A 15 -2.71 -1.26 -3.80
C GLU A 15 -4.08 -1.86 -4.28
N ALA A 16 -4.10 -2.87 -5.17
CA ALA A 16 -5.34 -3.63 -5.48
C ALA A 16 -5.93 -4.46 -4.29
N GLY A 17 -5.10 -5.18 -3.52
CA GLY A 17 -5.50 -5.72 -2.20
C GLY A 17 -5.97 -4.69 -1.14
N CYS A 18 -5.27 -3.56 -1.00
CA CYS A 18 -5.73 -2.43 -0.18
C CYS A 18 -7.06 -1.73 -0.61
N LYS A 19 -7.32 -1.57 -1.91
CA LYS A 19 -8.67 -1.21 -2.43
C LYS A 19 -9.78 -2.31 -2.35
N GLY A 20 -9.42 -3.60 -2.45
CA GLY A 20 -10.30 -4.71 -1.99
C GLY A 20 -10.79 -4.68 -0.52
N LEU A 21 -9.90 -4.40 0.44
CA LEU A 21 -10.28 -3.90 1.79
C LEU A 21 -11.04 -2.51 1.79
N GLY A 22 -10.56 -1.54 1.01
CA GLY A 22 -11.26 -0.25 0.76
C GLY A 22 -10.79 0.99 1.53
N LYS A 23 -9.50 1.09 1.91
CA LYS A 23 -9.08 2.04 2.96
C LYS A 23 -8.18 3.20 2.40
N SER A 24 -6.93 2.93 1.99
CA SER A 24 -6.02 3.97 1.41
C SER A 24 -4.77 3.30 0.75
N MET A 25 -4.43 3.80 -0.45
CA MET A 25 -3.37 3.21 -1.31
C MET A 25 -2.20 4.23 -1.45
N GLU A 26 -1.05 3.95 -0.84
CA GLU A 26 0.08 4.91 -0.78
C GLU A 26 1.43 4.23 -1.20
N SER A 27 1.65 4.02 -2.51
CA SER A 27 2.96 3.55 -3.04
C SER A 27 3.88 4.64 -3.61
N CYS A 28 5.19 4.35 -3.56
CA CYS A 28 6.29 5.30 -3.93
C CYS A 28 6.46 6.60 -3.07
N GLN A 29 5.98 6.56 -1.81
CA GLN A 29 6.15 7.68 -0.83
C GLN A 29 7.64 7.95 -0.43
N GLY A 30 8.39 6.88 -0.12
CA GLY A 30 9.87 6.92 -0.16
C GLY A 30 10.47 5.55 -0.51
N ASP A 31 10.17 5.03 -1.73
CA ASP A 31 10.33 3.59 -2.09
C ASP A 31 9.64 2.63 -1.06
N THR A 32 8.30 2.64 -1.03
CA THR A 32 7.49 2.05 0.08
C THR A 32 6.01 2.00 -0.39
N CYS A 33 5.37 0.82 -0.24
CA CYS A 33 3.90 0.72 -0.36
C CYS A 33 3.25 0.62 1.04
N LYS A 34 2.71 1.76 1.50
CA LYS A 34 1.86 1.81 2.70
C LYS A 34 0.39 1.43 2.34
N CYS A 35 0.01 0.19 2.68
CA CYS A 35 -1.40 -0.23 2.67
C CYS A 35 -2.06 0.03 4.04
N LYS A 36 -3.09 0.89 4.08
CA LYS A 36 -3.97 1.02 5.28
C LYS A 36 -4.90 -0.23 5.41
N ALA A 37 -4.75 -0.98 6.50
CA ALA A 37 -5.52 -2.21 6.75
C ALA A 37 -6.03 -2.20 8.18
N GLY A 1 0.28 -1.40 13.17
CA GLY A 1 -1.06 -2.04 13.22
C GLY A 1 -1.73 -2.17 11.85
N SER A 2 -2.52 -1.15 11.48
CA SER A 2 -3.22 -1.14 10.16
C SER A 2 -2.34 -0.75 8.95
N THR A 3 -1.59 0.37 8.99
CA THR A 3 -0.80 0.85 7.83
C THR A 3 0.59 0.16 7.78
N GLY A 4 0.76 -0.72 6.78
CA GLY A 4 1.94 -1.59 6.67
C GLY A 4 2.98 -1.13 5.62
N PRO A 5 4.14 -0.53 5.96
CA PRO A 5 5.13 -0.04 4.94
C PRO A 5 6.02 -1.15 4.32
N GLN A 6 5.93 -1.31 2.99
CA GLN A 6 6.76 -2.30 2.24
C GLN A 6 8.09 -1.62 1.71
N THR A 7 8.63 -2.01 0.54
CA THR A 7 9.79 -1.29 -0.09
C THR A 7 9.66 -1.36 -1.64
N THR A 8 8.65 -0.67 -2.19
CA THR A 8 8.26 -0.83 -3.62
C THR A 8 7.41 0.37 -4.13
N CYS A 9 7.86 1.00 -5.23
CA CYS A 9 7.13 2.09 -5.92
C CYS A 9 5.86 1.67 -6.71
N GLN A 10 6.01 0.91 -7.81
CA GLN A 10 4.87 0.46 -8.67
C GLN A 10 4.14 -0.80 -8.12
N ALA A 11 3.45 -0.63 -6.99
CA ALA A 11 2.94 -1.76 -6.19
C ALA A 11 1.44 -2.06 -6.43
N ALA A 12 1.15 -2.68 -7.58
CA ALA A 12 -0.23 -3.03 -7.98
C ALA A 12 -0.95 -4.07 -7.08
N MET A 13 -0.28 -5.14 -6.66
CA MET A 13 -0.85 -6.14 -5.69
C MET A 13 -1.09 -5.59 -4.24
N CYS A 14 -0.13 -4.80 -3.71
CA CYS A 14 -0.31 -4.01 -2.46
C CYS A 14 -1.52 -3.04 -2.46
N GLU A 15 -1.60 -2.16 -3.47
CA GLU A 15 -2.73 -1.21 -3.64
C GLU A 15 -4.10 -1.86 -4.06
N ALA A 16 -4.13 -2.89 -4.92
CA ALA A 16 -5.37 -3.65 -5.22
C ALA A 16 -5.99 -4.44 -4.02
N GLY A 17 -5.19 -5.11 -3.17
CA GLY A 17 -5.66 -5.59 -1.85
C GLY A 17 -6.17 -4.51 -0.86
N CYS A 18 -5.44 -3.39 -0.73
CA CYS A 18 -5.93 -2.19 0.00
C CYS A 18 -7.27 -1.55 -0.51
N LYS A 19 -7.45 -1.41 -1.83
CA LYS A 19 -8.74 -0.99 -2.43
C LYS A 19 -9.88 -2.06 -2.44
N GLY A 20 -9.56 -3.37 -2.57
CA GLY A 20 -10.52 -4.46 -2.26
C GLY A 20 -11.11 -4.51 -0.84
N LEU A 21 -10.29 -4.32 0.19
CA LEU A 21 -10.76 -3.89 1.54
C LEU A 21 -11.46 -2.48 1.60
N GLY A 22 -10.92 -1.48 0.88
CA GLY A 22 -11.53 -0.14 0.74
C GLY A 22 -10.95 0.97 1.64
N LYS A 23 -9.61 1.05 1.77
CA LYS A 23 -8.98 1.80 2.88
C LYS A 23 -8.13 3.01 2.35
N SER A 24 -6.81 2.84 2.07
CA SER A 24 -5.96 3.92 1.51
C SER A 24 -4.68 3.31 0.87
N MET A 25 -4.31 3.84 -0.31
CA MET A 25 -3.31 3.22 -1.22
C MET A 25 -2.11 4.19 -1.39
N GLU A 26 -1.00 3.90 -0.69
CA GLU A 26 0.12 4.87 -0.56
C GLU A 26 1.48 4.25 -1.01
N SER A 27 1.65 4.04 -2.33
CA SER A 27 2.93 3.56 -2.90
C SER A 27 3.82 4.67 -3.54
N CYS A 28 5.15 4.38 -3.51
CA CYS A 28 6.22 5.34 -3.91
C CYS A 28 6.40 6.63 -3.06
N GLN A 29 6.01 6.58 -1.78
CA GLN A 29 6.21 7.69 -0.80
C GLN A 29 7.71 7.97 -0.47
N GLY A 30 8.49 6.91 -0.20
CA GLY A 30 9.96 6.98 -0.31
C GLY A 30 10.57 5.61 -0.63
N ASP A 31 10.24 5.06 -1.82
CA ASP A 31 10.41 3.61 -2.15
C ASP A 31 9.72 2.67 -1.09
N THR A 32 8.39 2.67 -1.06
CA THR A 32 7.60 2.11 0.08
C THR A 32 6.12 2.03 -0.37
N CYS A 33 5.48 0.86 -0.18
CA CYS A 33 4.00 0.74 -0.27
C CYS A 33 3.39 0.62 1.15
N LYS A 34 2.81 1.73 1.62
CA LYS A 34 1.94 1.72 2.81
C LYS A 34 0.49 1.32 2.41
N CYS A 35 0.13 0.05 2.66
CA CYS A 35 -1.27 -0.39 2.62
C CYS A 35 -1.91 -0.24 4.03
N LYS A 36 -2.96 0.57 4.13
CA LYS A 36 -3.90 0.51 5.29
C LYS A 36 -4.79 -0.75 5.22
N ALA A 37 -4.55 -1.71 6.12
CA ALA A 37 -5.29 -2.98 6.18
C ALA A 37 -6.21 -3.00 7.41
N GLY A 1 -7.06 0.85 10.80
CA GLY A 1 -6.56 -0.42 10.21
C GLY A 1 -5.19 -0.83 10.76
N SER A 2 -4.19 -0.93 9.88
CA SER A 2 -2.79 -1.23 10.26
C SER A 2 -1.86 -0.98 9.04
N THR A 3 -1.03 0.07 9.10
CA THR A 3 -0.24 0.52 7.91
C THR A 3 1.10 -0.25 7.80
N GLY A 4 1.23 -1.07 6.76
CA GLY A 4 2.40 -1.92 6.52
C GLY A 4 3.38 -1.37 5.45
N PRO A 5 4.56 -0.78 5.78
CA PRO A 5 5.51 -0.25 4.75
C PRO A 5 6.38 -1.34 4.06
N GLN A 6 6.24 -1.46 2.74
CA GLN A 6 7.04 -2.43 1.93
C GLN A 6 8.36 -1.76 1.39
N THR A 7 8.84 -2.06 0.17
CA THR A 7 9.97 -1.32 -0.47
C THR A 7 9.77 -1.35 -2.02
N THR A 8 8.73 -0.65 -2.51
CA THR A 8 8.27 -0.79 -3.92
C THR A 8 7.41 0.44 -4.38
N CYS A 9 7.83 1.08 -5.49
CA CYS A 9 7.10 2.20 -6.12
C CYS A 9 5.81 1.82 -6.89
N GLN A 10 5.92 1.08 -8.02
CA GLN A 10 4.76 0.68 -8.84
C GLN A 10 4.03 -0.60 -8.32
N ALA A 11 3.40 -0.47 -7.14
CA ALA A 11 2.92 -1.65 -6.37
C ALA A 11 1.41 -1.91 -6.53
N ALA A 12 1.05 -2.49 -7.69
CA ALA A 12 -0.37 -2.80 -8.01
C ALA A 12 -1.04 -3.90 -7.13
N MET A 13 -0.34 -4.99 -6.81
CA MET A 13 -0.85 -6.03 -5.89
C MET A 13 -1.01 -5.56 -4.39
N CYS A 14 -0.02 -4.80 -3.86
CA CYS A 14 -0.14 -4.08 -2.57
C CYS A 14 -1.36 -3.10 -2.46
N GLU A 15 -1.51 -2.20 -3.44
CA GLU A 15 -2.65 -1.24 -3.49
C GLU A 15 -4.03 -1.85 -3.87
N ALA A 16 -4.11 -2.85 -4.76
CA ALA A 16 -5.36 -3.60 -5.02
C ALA A 16 -5.93 -4.43 -3.83
N GLY A 17 -5.08 -5.14 -3.05
CA GLY A 17 -5.48 -5.67 -1.73
C GLY A 17 -5.93 -4.65 -0.66
N CYS A 18 -5.22 -3.52 -0.53
CA CYS A 18 -5.66 -2.36 0.27
C CYS A 18 -7.02 -1.71 -0.15
N LYS A 19 -7.28 -1.51 -1.44
CA LYS A 19 -8.61 -1.09 -1.96
C LYS A 19 -9.73 -2.17 -1.93
N GLY A 20 -9.42 -3.47 -2.10
CA GLY A 20 -10.35 -4.58 -1.76
C GLY A 20 -10.90 -4.64 -0.32
N LEU A 21 -10.04 -4.42 0.69
CA LEU A 21 -10.48 -4.01 2.05
C LEU A 21 -11.18 -2.59 2.13
N GLY A 22 -10.63 -1.59 1.43
CA GLY A 22 -11.25 -0.24 1.30
C GLY A 22 -10.64 0.88 2.15
N LYS A 23 -9.29 0.94 2.23
CA LYS A 23 -8.60 1.70 3.30
C LYS A 23 -7.78 2.90 2.73
N SER A 24 -6.47 2.75 2.41
CA SER A 24 -5.65 3.82 1.80
C SER A 24 -4.42 3.20 1.07
N MET A 25 -4.16 3.69 -0.15
CA MET A 25 -3.17 3.10 -1.07
C MET A 25 -1.99 4.09 -1.28
N GLU A 26 -0.85 3.82 -0.64
CA GLU A 26 0.25 4.82 -0.54
C GLU A 26 1.61 4.24 -1.04
N SER A 27 1.74 4.03 -2.37
CA SER A 27 3.02 3.56 -2.99
C SER A 27 3.91 4.66 -3.59
N CYS A 28 5.23 4.38 -3.58
CA CYS A 28 6.30 5.36 -3.92
C CYS A 28 6.49 6.61 -2.99
N GLN A 29 5.83 6.61 -1.82
CA GLN A 29 5.90 7.71 -0.82
C GLN A 29 7.29 7.95 -0.17
N GLY A 30 8.04 6.88 0.11
CA GLY A 30 9.52 6.93 0.16
C GLY A 30 10.13 5.64 -0.39
N ASP A 31 9.99 5.39 -1.71
CA ASP A 31 10.29 4.06 -2.34
C ASP A 31 9.69 2.81 -1.58
N THR A 32 8.37 2.85 -1.32
CA THR A 32 7.75 2.12 -0.19
C THR A 32 6.22 2.06 -0.49
N CYS A 33 5.63 0.86 -0.39
CA CYS A 33 4.15 0.71 -0.40
C CYS A 33 3.62 0.58 1.04
N LYS A 34 3.07 1.70 1.55
CA LYS A 34 2.31 1.72 2.81
C LYS A 34 0.83 1.32 2.54
N CYS A 35 0.53 0.03 2.72
CA CYS A 35 -0.86 -0.47 2.69
C CYS A 35 -1.49 -0.41 4.10
N LYS A 36 -2.52 0.42 4.26
CA LYS A 36 -3.42 0.36 5.44
C LYS A 36 -4.35 -0.89 5.38
N ALA A 37 -4.12 -1.86 6.26
CA ALA A 37 -4.87 -3.13 6.27
C ALA A 37 -5.60 -3.28 7.60
N GLY A 1 -3.78 3.68 10.48
CA GLY A 1 -4.06 2.67 11.52
C GLY A 1 -3.24 1.39 11.34
N SER A 2 -3.84 0.36 10.73
CA SER A 2 -3.14 -0.93 10.47
C SER A 2 -2.23 -0.92 9.19
N THR A 3 -1.19 -0.09 9.20
CA THR A 3 -0.40 0.23 7.97
C THR A 3 0.87 -0.66 7.86
N GLY A 4 0.95 -1.43 6.77
CA GLY A 4 2.11 -2.29 6.47
C GLY A 4 3.08 -1.68 5.43
N PRO A 5 4.25 -1.10 5.77
CA PRO A 5 5.20 -0.51 4.77
C PRO A 5 6.11 -1.56 4.07
N GLN A 6 5.99 -1.64 2.74
CA GLN A 6 6.81 -2.59 1.92
C GLN A 6 8.13 -1.89 1.40
N THR A 7 8.63 -2.20 0.19
CA THR A 7 9.80 -1.46 -0.41
C THR A 7 9.63 -1.44 -1.97
N THR A 8 8.62 -0.69 -2.45
CA THR A 8 8.19 -0.76 -3.87
C THR A 8 7.35 0.49 -4.30
N CYS A 9 7.77 1.15 -5.40
CA CYS A 9 7.07 2.30 -5.99
C CYS A 9 5.79 1.98 -6.81
N GLN A 10 5.92 1.30 -7.97
CA GLN A 10 4.76 0.94 -8.83
C GLN A 10 4.02 -0.36 -8.38
N ALA A 11 3.36 -0.28 -7.22
CA ALA A 11 2.88 -1.48 -6.50
C ALA A 11 1.37 -1.74 -6.70
N ALA A 12 1.03 -2.26 -7.89
CA ALA A 12 -0.38 -2.57 -8.26
C ALA A 12 -1.06 -3.70 -7.45
N MET A 13 -0.37 -4.80 -7.17
CA MET A 13 -0.89 -5.89 -6.29
C MET A 13 -1.07 -5.49 -4.77
N CYS A 14 -0.11 -4.74 -4.21
CA CYS A 14 -0.26 -4.08 -2.89
C CYS A 14 -1.48 -3.12 -2.76
N GLU A 15 -1.58 -2.13 -3.67
CA GLU A 15 -2.72 -1.19 -3.71
C GLU A 15 -4.11 -1.80 -4.13
N ALA A 16 -4.17 -2.78 -5.05
CA ALA A 16 -5.41 -3.53 -5.34
C ALA A 16 -5.96 -4.41 -4.18
N GLY A 17 -5.11 -5.16 -3.44
CA GLY A 17 -5.49 -5.74 -2.14
C GLY A 17 -5.93 -4.76 -1.03
N CYS A 18 -5.22 -3.65 -0.86
CA CYS A 18 -5.65 -2.53 0.00
C CYS A 18 -7.00 -1.84 -0.36
N LYS A 19 -7.29 -1.60 -1.66
CA LYS A 19 -8.63 -1.18 -2.13
C LYS A 19 -9.75 -2.25 -2.10
N GLY A 20 -9.44 -3.55 -2.29
CA GLY A 20 -10.36 -4.66 -1.93
C GLY A 20 -10.88 -4.72 -0.48
N LEU A 21 -9.98 -4.55 0.51
CA LEU A 21 -10.38 -4.16 1.89
C LEU A 21 -11.03 -2.72 2.03
N GLY A 22 -10.48 -1.71 1.34
CA GLY A 22 -11.10 -0.38 1.19
C GLY A 22 -10.59 0.74 2.12
N LYS A 23 -9.27 0.81 2.40
CA LYS A 23 -8.76 1.65 3.52
C LYS A 23 -7.84 2.81 3.03
N SER A 24 -6.61 2.55 2.54
CA SER A 24 -5.70 3.62 2.05
C SER A 24 -4.51 2.99 1.24
N MET A 25 -4.25 3.58 0.06
CA MET A 25 -3.24 3.08 -0.90
C MET A 25 -2.09 4.14 -1.04
N GLU A 26 -0.92 3.83 -0.46
CA GLU A 26 0.22 4.80 -0.41
C GLU A 26 1.54 4.13 -0.91
N SER A 27 1.68 3.95 -2.24
CA SER A 27 2.94 3.49 -2.86
C SER A 27 3.86 4.63 -3.37
N CYS A 28 5.17 4.34 -3.36
CA CYS A 28 6.26 5.33 -3.63
C CYS A 28 6.44 6.51 -2.63
N GLN A 29 5.94 6.37 -1.40
CA GLN A 29 6.08 7.38 -0.32
C GLN A 29 7.54 7.67 0.14
N GLY A 30 8.36 6.62 0.26
CA GLY A 30 9.83 6.75 0.16
C GLY A 30 10.48 5.46 -0.37
N ASP A 31 10.16 5.07 -1.63
CA ASP A 31 10.33 3.68 -2.13
C ASP A 31 9.69 2.60 -1.18
N THR A 32 8.35 2.58 -1.10
CA THR A 32 7.62 1.91 0.02
C THR A 32 6.11 1.87 -0.38
N CYS A 33 5.49 0.67 -0.29
CA CYS A 33 4.01 0.55 -0.35
C CYS A 33 3.44 0.42 1.08
N LYS A 34 2.94 1.54 1.59
CA LYS A 34 2.12 1.58 2.82
C LYS A 34 0.65 1.17 2.50
N CYS A 35 0.32 -0.09 2.78
CA CYS A 35 -1.07 -0.57 2.74
C CYS A 35 -1.70 -0.51 4.15
N LYS A 36 -2.74 0.33 4.32
CA LYS A 36 -3.64 0.21 5.49
C LYS A 36 -4.59 -1.02 5.31
N ALA A 37 -4.38 -2.05 6.14
CA ALA A 37 -5.09 -3.33 6.00
C ALA A 37 -6.02 -3.57 7.19
N GLY A 1 -1.90 -2.65 14.40
CA GLY A 1 -1.09 -2.07 13.30
C GLY A 1 -1.71 -2.21 11.92
N SER A 2 -2.50 -1.20 11.51
CA SER A 2 -3.20 -1.22 10.19
C SER A 2 -2.32 -0.85 8.96
N THR A 3 -1.56 0.26 8.99
CA THR A 3 -0.76 0.70 7.81
C THR A 3 0.63 0.00 7.77
N GLY A 4 0.81 -0.84 6.75
CA GLY A 4 2.02 -1.68 6.60
C GLY A 4 3.03 -1.13 5.57
N PRO A 5 4.17 -0.49 5.94
CA PRO A 5 5.16 0.03 4.93
C PRO A 5 6.07 -1.06 4.29
N GLN A 6 5.95 -1.23 2.97
CA GLN A 6 6.78 -2.20 2.21
C GLN A 6 8.11 -1.54 1.69
N THR A 7 8.66 -1.94 0.54
CA THR A 7 9.84 -1.24 -0.09
C THR A 7 9.71 -1.33 -1.64
N THR A 8 8.71 -0.63 -2.20
CA THR A 8 8.29 -0.82 -3.62
C THR A 8 7.47 0.39 -4.15
N CYS A 9 7.92 0.96 -5.28
CA CYS A 9 7.17 2.01 -6.02
C CYS A 9 5.96 1.50 -6.84
N GLN A 10 6.17 0.70 -7.91
CA GLN A 10 5.06 0.21 -8.77
C GLN A 10 4.28 -1.01 -8.17
N ALA A 11 3.53 -0.75 -7.09
CA ALA A 11 2.98 -1.83 -6.24
C ALA A 11 1.48 -2.10 -6.49
N ALA A 12 1.19 -2.79 -7.60
CA ALA A 12 -0.21 -3.13 -7.99
C ALA A 12 -0.94 -4.14 -7.05
N MET A 13 -0.28 -5.21 -6.60
CA MET A 13 -0.85 -6.16 -5.61
C MET A 13 -1.10 -5.56 -4.18
N CYS A 14 -0.14 -4.76 -3.67
CA CYS A 14 -0.32 -3.94 -2.45
C CYS A 14 -1.52 -2.94 -2.48
N GLU A 15 -1.61 -2.11 -3.54
CA GLU A 15 -2.77 -1.20 -3.76
C GLU A 15 -4.14 -1.89 -4.08
N ALA A 16 -4.16 -2.97 -4.89
CA ALA A 16 -5.39 -3.75 -5.15
C ALA A 16 -6.00 -4.51 -3.93
N GLY A 17 -5.18 -5.10 -3.04
CA GLY A 17 -5.63 -5.53 -1.70
C GLY A 17 -6.15 -4.43 -0.76
N CYS A 18 -5.45 -3.29 -0.67
CA CYS A 18 -5.97 -2.09 0.03
C CYS A 18 -7.29 -1.46 -0.53
N LYS A 19 -7.46 -1.34 -1.84
CA LYS A 19 -8.75 -0.96 -2.46
C LYS A 19 -9.87 -2.04 -2.46
N GLY A 20 -9.54 -3.35 -2.54
CA GLY A 20 -10.49 -4.44 -2.23
C GLY A 20 -11.13 -4.46 -0.83
N LEU A 21 -10.33 -4.24 0.22
CA LEU A 21 -10.84 -3.79 1.55
C LEU A 21 -11.53 -2.36 1.56
N GLY A 22 -10.97 -1.39 0.84
CA GLY A 22 -11.52 -0.02 0.71
C GLY A 22 -10.93 1.05 1.64
N LYS A 23 -9.60 1.09 1.79
CA LYS A 23 -8.95 1.85 2.90
C LYS A 23 -8.09 3.04 2.35
N SER A 24 -6.78 2.85 2.06
CA SER A 24 -5.92 3.93 1.52
C SER A 24 -4.64 3.31 0.85
N MET A 25 -4.29 3.85 -0.32
CA MET A 25 -3.24 3.30 -1.19
C MET A 25 -2.07 4.33 -1.31
N GLU A 26 -0.96 4.06 -0.62
CA GLU A 26 0.17 5.03 -0.52
C GLU A 26 1.52 4.38 -1.00
N SER A 27 1.64 4.20 -2.32
CA SER A 27 2.87 3.64 -2.96
C SER A 27 3.81 4.69 -3.61
N CYS A 28 5.11 4.35 -3.59
CA CYS A 28 6.22 5.27 -3.98
C CYS A 28 6.42 6.57 -3.13
N GLN A 29 5.95 6.55 -1.88
CA GLN A 29 6.10 7.68 -0.91
C GLN A 29 7.56 7.99 -0.51
N GLY A 30 8.35 6.94 -0.21
CA GLY A 30 9.84 7.03 -0.30
C GLY A 30 10.46 5.67 -0.68
N ASP A 31 10.15 5.17 -1.88
CA ASP A 31 10.33 3.72 -2.25
C ASP A 31 9.67 2.75 -1.20
N THR A 32 8.32 2.76 -1.14
CA THR A 32 7.57 2.19 0.01
C THR A 32 6.06 2.13 -0.40
N CYS A 33 5.44 0.96 -0.22
CA CYS A 33 3.97 0.84 -0.28
C CYS A 33 3.38 0.73 1.15
N LYS A 34 2.83 1.85 1.64
CA LYS A 34 1.98 1.86 2.85
C LYS A 34 0.52 1.47 2.47
N CYS A 35 0.19 0.19 2.67
CA CYS A 35 -1.18 -0.30 2.56
C CYS A 35 -1.87 -0.31 3.95
N LYS A 36 -2.95 0.48 4.08
CA LYS A 36 -3.85 0.40 5.26
C LYS A 36 -4.76 -0.88 5.20
N ALA A 37 -4.49 -1.81 6.11
CA ALA A 37 -5.25 -3.06 6.25
C ALA A 37 -5.30 -3.44 7.74
N GLY A 1 -7.02 0.13 11.54
CA GLY A 1 -6.32 0.10 10.22
C GLY A 1 -4.80 0.17 10.33
N SER A 2 -4.16 -0.97 10.62
CA SER A 2 -2.69 -1.04 10.81
C SER A 2 -1.91 -0.98 9.46
N THR A 3 -1.01 0.00 9.33
CA THR A 3 -0.29 0.27 8.05
C THR A 3 0.99 -0.59 7.90
N GLY A 4 1.09 -1.30 6.77
CA GLY A 4 2.25 -2.15 6.44
C GLY A 4 3.22 -1.51 5.41
N PRO A 5 4.38 -0.90 5.78
CA PRO A 5 5.33 -0.32 4.77
C PRO A 5 6.25 -1.36 4.07
N GLN A 6 6.12 -1.45 2.74
CA GLN A 6 6.94 -2.40 1.92
C GLN A 6 8.25 -1.71 1.38
N THR A 7 8.75 -2.04 0.19
CA THR A 7 9.90 -1.31 -0.44
C THR A 7 9.72 -1.33 -1.99
N THR A 8 8.69 -0.62 -2.49
CA THR A 8 8.23 -0.75 -3.91
C THR A 8 7.39 0.49 -4.37
N CYS A 9 7.79 1.09 -5.50
CA CYS A 9 7.07 2.22 -6.13
C CYS A 9 5.78 1.85 -6.92
N GLN A 10 5.90 1.12 -8.05
CA GLN A 10 4.74 0.73 -8.88
C GLN A 10 4.01 -0.56 -8.37
N ALA A 11 3.37 -0.43 -7.19
CA ALA A 11 2.90 -1.60 -6.42
C ALA A 11 1.39 -1.88 -6.61
N ALA A 12 1.05 -2.46 -7.77
CA ALA A 12 -0.36 -2.81 -8.12
C ALA A 12 -1.04 -3.88 -7.24
N MET A 13 -0.33 -4.98 -6.90
CA MET A 13 -0.85 -6.01 -5.97
C MET A 13 -1.04 -5.53 -4.47
N CYS A 14 -0.08 -4.75 -3.95
CA CYS A 14 -0.22 -4.02 -2.66
C CYS A 14 -1.44 -3.05 -2.59
N GLU A 15 -1.56 -2.14 -3.56
CA GLU A 15 -2.71 -1.19 -3.66
C GLU A 15 -4.09 -1.83 -4.03
N ALA A 16 -4.14 -2.86 -4.90
CA ALA A 16 -5.38 -3.63 -5.15
C ALA A 16 -5.93 -4.45 -3.95
N GLY A 17 -5.07 -5.13 -3.17
CA GLY A 17 -5.46 -5.66 -1.83
C GLY A 17 -5.93 -4.62 -0.78
N CYS A 18 -5.22 -3.48 -0.66
CA CYS A 18 -5.68 -2.33 0.16
C CYS A 18 -7.03 -1.67 -0.25
N LYS A 19 -7.31 -1.49 -1.56
CA LYS A 19 -8.64 -1.10 -2.07
C LYS A 19 -9.74 -2.21 -2.02
N GLY A 20 -9.40 -3.49 -2.20
CA GLY A 20 -10.31 -4.63 -1.85
C GLY A 20 -10.82 -4.71 -0.39
N LEU A 21 -9.93 -4.50 0.59
CA LEU A 21 -10.34 -4.13 1.97
C LEU A 21 -11.08 -2.73 2.10
N GLY A 22 -10.61 -1.70 1.38
CA GLY A 22 -11.25 -0.37 1.32
C GLY A 22 -10.64 0.72 2.23
N LYS A 23 -9.30 0.83 2.25
CA LYS A 23 -8.59 1.54 3.34
C LYS A 23 -7.76 2.76 2.83
N SER A 24 -6.53 2.58 2.33
CA SER A 24 -5.67 3.69 1.83
C SER A 24 -4.44 3.10 1.07
N MET A 25 -4.18 3.65 -0.12
CA MET A 25 -3.19 3.12 -1.08
C MET A 25 -2.03 4.15 -1.25
N GLU A 26 -0.88 3.87 -0.64
CA GLU A 26 0.24 4.85 -0.58
C GLU A 26 1.59 4.20 -1.06
N SER A 27 1.73 4.00 -2.37
CA SER A 27 3.00 3.53 -2.99
C SER A 27 3.91 4.64 -3.56
N CYS A 28 5.22 4.35 -3.55
CA CYS A 28 6.30 5.33 -3.87
C CYS A 28 6.50 6.55 -2.92
N GLN A 29 5.93 6.49 -1.71
CA GLN A 29 6.04 7.58 -0.69
C GLN A 29 7.48 7.86 -0.14
N GLY A 30 8.29 6.80 0.02
CA GLY A 30 9.76 6.94 -0.02
C GLY A 30 10.45 5.66 -0.52
N ASP A 31 10.15 5.24 -1.77
CA ASP A 31 10.36 3.84 -2.26
C ASP A 31 9.75 2.76 -1.29
N THR A 32 8.42 2.73 -1.20
CA THR A 32 7.69 2.06 -0.07
C THR A 32 6.18 2.01 -0.46
N CYS A 33 5.57 0.82 -0.34
CA CYS A 33 4.10 0.70 -0.37
C CYS A 33 3.54 0.58 1.05
N LYS A 34 3.01 1.71 1.56
CA LYS A 34 2.20 1.72 2.79
C LYS A 34 0.73 1.34 2.46
N CYS A 35 0.42 0.05 2.67
CA CYS A 35 -0.97 -0.43 2.66
C CYS A 35 -1.57 -0.34 4.09
N LYS A 36 -2.61 0.50 4.25
CA LYS A 36 -3.46 0.47 5.46
C LYS A 36 -4.34 -0.83 5.48
N ALA A 37 -4.13 -1.69 6.48
CA ALA A 37 -4.82 -2.99 6.58
C ALA A 37 -5.36 -3.14 8.00
N GLY A 1 -6.77 -1.56 10.97
CA GLY A 1 -5.81 -1.64 12.10
C GLY A 1 -4.48 -0.94 11.84
N SER A 2 -3.48 -1.71 11.38
CA SER A 2 -2.11 -1.19 11.17
C SER A 2 -1.78 -0.87 9.68
N THR A 3 -1.01 0.19 9.45
CA THR A 3 -0.40 0.47 8.12
C THR A 3 0.87 -0.41 7.90
N GLY A 4 0.94 -1.06 6.73
CA GLY A 4 2.05 -1.96 6.38
C GLY A 4 3.04 -1.37 5.35
N PRO A 5 4.21 -0.78 5.73
CA PRO A 5 5.20 -0.22 4.75
C PRO A 5 6.10 -1.30 4.07
N GLN A 6 6.00 -1.40 2.74
CA GLN A 6 6.84 -2.34 1.94
C GLN A 6 8.16 -1.64 1.45
N THR A 7 8.73 -2.01 0.28
CA THR A 7 9.89 -1.27 -0.31
C THR A 7 9.77 -1.31 -1.87
N THR A 8 8.76 -0.60 -2.41
CA THR A 8 8.35 -0.76 -3.83
C THR A 8 7.52 0.46 -4.33
N CYS A 9 7.97 1.08 -5.44
CA CYS A 9 7.23 2.16 -6.13
C CYS A 9 5.99 1.73 -6.95
N GLN A 10 6.14 0.96 -8.02
CA GLN A 10 5.00 0.53 -8.89
C GLN A 10 4.22 -0.71 -8.33
N ALA A 11 3.50 -0.50 -7.22
CA ALA A 11 2.97 -1.63 -6.42
C ALA A 11 1.46 -1.87 -6.62
N ALA A 12 1.11 -2.45 -7.78
CA ALA A 12 -0.30 -2.76 -8.13
C ALA A 12 -0.99 -3.85 -7.27
N MET A 13 -0.29 -4.95 -6.94
CA MET A 13 -0.82 -6.01 -6.04
C MET A 13 -1.01 -5.56 -4.54
N CYS A 14 -0.05 -4.79 -3.99
CA CYS A 14 -0.20 -4.07 -2.71
C CYS A 14 -1.44 -3.13 -2.62
N GLU A 15 -1.58 -2.20 -3.58
CA GLU A 15 -2.73 -1.27 -3.64
C GLU A 15 -4.10 -1.87 -4.08
N ALA A 16 -4.13 -2.87 -4.97
CA ALA A 16 -5.37 -3.64 -5.26
C ALA A 16 -5.92 -4.50 -4.07
N GLY A 17 -5.06 -5.20 -3.31
CA GLY A 17 -5.44 -5.74 -1.97
C GLY A 17 -5.91 -4.73 -0.90
N CYS A 18 -5.21 -3.60 -0.76
CA CYS A 18 -5.67 -2.46 0.06
C CYS A 18 -7.01 -1.78 -0.34
N LYS A 19 -7.30 -1.59 -1.64
CA LYS A 19 -8.63 -1.20 -2.14
C LYS A 19 -9.74 -2.30 -2.09
N GLY A 20 -9.39 -3.59 -2.22
CA GLY A 20 -10.28 -4.71 -1.81
C GLY A 20 -10.78 -4.71 -0.34
N LEU A 21 -9.90 -4.43 0.63
CA LEU A 21 -10.31 -3.97 1.98
C LEU A 21 -11.07 -2.58 2.00
N GLY A 22 -10.53 -1.57 1.30
CA GLY A 22 -11.23 -0.28 1.05
C GLY A 22 -10.78 0.94 1.87
N LYS A 23 -9.47 1.08 2.15
CA LYS A 23 -9.00 1.99 3.23
C LYS A 23 -8.03 3.09 2.72
N SER A 24 -6.77 2.78 2.35
CA SER A 24 -5.83 3.81 1.81
C SER A 24 -4.60 3.15 1.10
N MET A 25 -4.27 3.72 -0.07
CA MET A 25 -3.25 3.18 -1.00
C MET A 25 -2.10 4.23 -1.17
N GLU A 26 -0.92 3.94 -0.61
CA GLU A 26 0.20 4.92 -0.59
C GLU A 26 1.54 4.29 -1.11
N SER A 27 1.68 4.16 -2.44
CA SER A 27 2.92 3.68 -3.09
C SER A 27 3.87 4.78 -3.63
N CYS A 28 5.18 4.44 -3.61
CA CYS A 28 6.29 5.37 -3.99
C CYS A 28 6.50 6.65 -3.13
N GLN A 29 6.07 6.59 -1.85
CA GLN A 29 6.23 7.69 -0.87
C GLN A 29 7.71 7.98 -0.48
N GLY A 30 8.49 6.92 -0.23
CA GLY A 30 9.97 6.98 -0.33
C GLY A 30 10.57 5.63 -0.73
N ASP A 31 10.23 5.15 -1.95
CA ASP A 31 10.39 3.70 -2.34
C ASP A 31 9.71 2.73 -1.31
N THR A 32 8.37 2.73 -1.25
CA THR A 32 7.61 2.13 -0.13
C THR A 32 6.11 2.06 -0.55
N CYS A 33 5.48 0.89 -0.39
CA CYS A 33 4.00 0.77 -0.45
C CYS A 33 3.43 0.64 0.98
N LYS A 34 2.88 1.75 1.49
CA LYS A 34 2.08 1.75 2.73
C LYS A 34 0.60 1.37 2.42
N CYS A 35 0.25 0.12 2.72
CA CYS A 35 -1.16 -0.33 2.74
C CYS A 35 -1.78 -0.15 4.14
N LYS A 36 -2.83 0.67 4.25
CA LYS A 36 -3.67 0.74 5.49
C LYS A 36 -4.56 -0.52 5.62
N ALA A 37 -4.20 -1.42 6.54
CA ALA A 37 -4.82 -2.76 6.63
C ALA A 37 -4.89 -3.19 8.10
N GLY A 1 -7.14 -0.35 11.20
CA GLY A 1 -6.28 -0.27 9.99
C GLY A 1 -4.79 -0.13 10.29
N SER A 2 -4.10 -1.28 10.38
CA SER A 2 -2.64 -1.31 10.60
C SER A 2 -1.83 -1.09 9.29
N THR A 3 -1.04 -0.02 9.23
CA THR A 3 -0.33 0.40 8.00
C THR A 3 1.02 -0.34 7.84
N GLY A 4 1.15 -1.13 6.76
CA GLY A 4 2.33 -1.96 6.50
C GLY A 4 3.30 -1.40 5.45
N PRO A 5 4.47 -0.77 5.79
CA PRO A 5 5.42 -0.23 4.77
C PRO A 5 6.29 -1.29 4.07
N GLN A 6 6.15 -1.41 2.74
CA GLN A 6 6.96 -2.36 1.92
C GLN A 6 8.28 -1.64 1.40
N THR A 7 8.81 -1.99 0.22
CA THR A 7 9.96 -1.26 -0.41
C THR A 7 9.79 -1.30 -1.96
N THR A 8 8.79 -0.57 -2.47
CA THR A 8 8.34 -0.71 -3.88
C THR A 8 7.49 0.52 -4.35
N CYS A 9 7.90 1.15 -5.46
CA CYS A 9 7.13 2.22 -6.13
C CYS A 9 5.89 1.75 -6.93
N GLN A 10 6.07 0.99 -8.03
CA GLN A 10 4.93 0.52 -8.87
C GLN A 10 4.18 -0.72 -8.29
N ALA A 11 3.44 -0.51 -7.19
CA ALA A 11 2.93 -1.62 -6.35
C ALA A 11 1.41 -1.89 -6.56
N ALA A 12 1.08 -2.52 -7.69
CA ALA A 12 -0.32 -2.86 -8.05
C ALA A 12 -0.99 -3.93 -7.15
N MET A 13 -0.29 -5.02 -6.79
CA MET A 13 -0.81 -6.05 -5.85
C MET A 13 -1.03 -5.55 -4.37
N CYS A 14 -0.07 -4.76 -3.84
CA CYS A 14 -0.22 -4.01 -2.57
C CYS A 14 -1.45 -3.05 -2.51
N GLU A 15 -1.58 -2.15 -3.50
CA GLU A 15 -2.73 -1.23 -3.61
C GLU A 15 -4.11 -1.89 -3.97
N ALA A 16 -4.14 -2.92 -4.84
CA ALA A 16 -5.37 -3.71 -5.10
C ALA A 16 -5.95 -4.51 -3.89
N GLY A 17 -5.09 -5.17 -3.08
CA GLY A 17 -5.51 -5.67 -1.74
C GLY A 17 -5.99 -4.62 -0.73
N CYS A 18 -5.29 -3.49 -0.60
CA CYS A 18 -5.76 -2.34 0.19
C CYS A 18 -7.09 -1.65 -0.26
N LYS A 19 -7.32 -1.50 -1.57
CA LYS A 19 -8.65 -1.09 -2.11
C LYS A 19 -9.76 -2.17 -2.07
N GLY A 20 -9.44 -3.48 -2.23
CA GLY A 20 -10.36 -4.59 -1.89
C GLY A 20 -10.90 -4.64 -0.43
N LEU A 21 -10.03 -4.40 0.56
CA LEU A 21 -10.46 -3.97 1.92
C LEU A 21 -11.18 -2.57 1.98
N GLY A 22 -10.63 -1.54 1.31
CA GLY A 22 -11.28 -0.22 1.14
C GLY A 22 -10.77 0.93 2.02
N LYS A 23 -9.45 1.03 2.24
CA LYS A 23 -8.91 1.88 3.34
C LYS A 23 -7.96 2.98 2.79
N SER A 24 -6.66 2.71 2.51
CA SER A 24 -5.76 3.71 1.89
C SER A 24 -4.55 3.05 1.17
N MET A 25 -4.20 3.64 0.02
CA MET A 25 -3.20 3.10 -0.92
C MET A 25 -2.04 4.14 -1.09
N GLU A 26 -0.89 3.87 -0.46
CA GLU A 26 0.22 4.87 -0.38
C GLU A 26 1.55 4.27 -0.94
N SER A 27 1.65 4.14 -2.27
CA SER A 27 2.86 3.66 -2.96
C SER A 27 3.80 4.75 -3.51
N CYS A 28 5.11 4.42 -3.55
CA CYS A 28 6.21 5.36 -3.90
C CYS A 28 6.44 6.59 -2.97
N GLN A 29 5.99 6.51 -1.72
CA GLN A 29 6.14 7.58 -0.70
C GLN A 29 7.62 7.88 -0.29
N GLY A 30 8.45 6.84 -0.14
CA GLY A 30 9.92 6.97 -0.28
C GLY A 30 10.56 5.65 -0.76
N ASP A 31 10.19 5.19 -1.98
CA ASP A 31 10.34 3.76 -2.40
C ASP A 31 9.70 2.76 -1.37
N THR A 32 8.37 2.75 -1.27
CA THR A 32 7.64 2.13 -0.13
C THR A 32 6.13 2.07 -0.51
N CYS A 33 5.51 0.89 -0.34
CA CYS A 33 4.04 0.76 -0.36
C CYS A 33 3.50 0.61 1.08
N LYS A 34 2.96 1.70 1.61
CA LYS A 34 2.16 1.69 2.86
C LYS A 34 0.69 1.30 2.56
N CYS A 35 0.37 0.01 2.78
CA CYS A 35 -1.02 -0.48 2.73
C CYS A 35 -1.66 -0.44 4.14
N LYS A 36 -2.73 0.35 4.30
CA LYS A 36 -3.56 0.34 5.52
C LYS A 36 -4.49 -0.91 5.57
N ALA A 37 -4.13 -1.88 6.41
CA ALA A 37 -4.80 -3.18 6.48
C ALA A 37 -4.78 -3.63 7.94
N GLY A 1 -3.60 3.78 10.76
CA GLY A 1 -3.34 2.97 11.98
C GLY A 1 -2.72 1.60 11.69
N SER A 2 -3.54 0.65 11.28
CA SER A 2 -3.08 -0.72 10.93
C SER A 2 -2.47 -0.79 9.50
N THR A 3 -1.20 -0.38 9.36
CA THR A 3 -0.57 -0.12 8.04
C THR A 3 0.75 -0.92 7.87
N GLY A 4 0.88 -1.65 6.75
CA GLY A 4 2.09 -2.43 6.42
C GLY A 4 3.03 -1.74 5.42
N PRO A 5 4.19 -1.12 5.79
CA PRO A 5 5.13 -0.50 4.81
C PRO A 5 6.07 -1.51 4.10
N GLN A 6 5.96 -1.61 2.78
CA GLN A 6 6.78 -2.55 1.97
C GLN A 6 8.10 -1.87 1.45
N THR A 7 8.62 -2.18 0.25
CA THR A 7 9.79 -1.47 -0.35
C THR A 7 9.63 -1.43 -1.91
N THR A 8 8.61 -0.69 -2.40
CA THR A 8 8.19 -0.74 -3.83
C THR A 8 7.35 0.51 -4.23
N CYS A 9 7.77 1.20 -5.31
CA CYS A 9 7.05 2.35 -5.90
C CYS A 9 5.75 2.00 -6.69
N GLN A 10 5.88 1.34 -7.86
CA GLN A 10 4.71 0.97 -8.71
C GLN A 10 4.00 -0.33 -8.26
N ALA A 11 3.32 -0.25 -7.11
CA ALA A 11 2.85 -1.45 -6.38
C ALA A 11 1.34 -1.74 -6.60
N ALA A 12 1.03 -2.27 -7.79
CA ALA A 12 -0.36 -2.60 -8.18
C ALA A 12 -1.06 -3.70 -7.34
N MET A 13 -0.37 -4.80 -7.02
CA MET A 13 -0.91 -5.86 -6.13
C MET A 13 -1.11 -5.43 -4.63
N CYS A 14 -0.15 -4.68 -4.06
CA CYS A 14 -0.30 -3.99 -2.76
C CYS A 14 -1.51 -3.02 -2.65
N GLU A 15 -1.63 -2.08 -3.60
CA GLU A 15 -2.76 -1.12 -3.67
C GLU A 15 -4.14 -1.74 -4.09
N ALA A 16 -4.18 -2.71 -5.02
CA ALA A 16 -5.43 -3.46 -5.34
C ALA A 16 -6.02 -4.33 -4.19
N GLY A 17 -5.18 -5.05 -3.42
CA GLY A 17 -5.61 -5.64 -2.12
C GLY A 17 -6.11 -4.66 -1.04
N CYS A 18 -5.40 -3.53 -0.84
CA CYS A 18 -5.89 -2.42 -0.01
C CYS A 18 -7.22 -1.73 -0.44
N LYS A 19 -7.44 -1.49 -1.74
CA LYS A 19 -8.74 -1.05 -2.29
C LYS A 19 -9.87 -2.13 -2.35
N GLY A 20 -9.54 -3.42 -2.57
CA GLY A 20 -10.48 -4.54 -2.31
C GLY A 20 -11.05 -4.69 -0.88
N LEU A 21 -10.20 -4.55 0.15
CA LEU A 21 -10.65 -4.22 1.52
C LEU A 21 -11.37 -2.82 1.68
N GLY A 22 -10.84 -1.77 1.02
CA GLY A 22 -11.45 -0.42 0.99
C GLY A 22 -10.85 0.63 1.93
N LYS A 23 -9.52 0.67 2.07
CA LYS A 23 -8.87 1.38 3.20
C LYS A 23 -8.05 2.62 2.71
N SER A 24 -6.75 2.48 2.36
CA SER A 24 -5.92 3.59 1.83
C SER A 24 -4.66 3.02 1.10
N MET A 25 -4.33 3.63 -0.05
CA MET A 25 -3.29 3.13 -0.97
C MET A 25 -2.13 4.18 -1.04
N GLU A 26 -0.99 3.87 -0.40
CA GLU A 26 0.11 4.85 -0.24
C GLU A 26 1.47 4.25 -0.73
N SER A 27 1.65 4.15 -2.07
CA SER A 27 2.94 3.69 -2.67
C SER A 27 3.84 4.81 -3.23
N CYS A 28 5.15 4.50 -3.27
CA CYS A 28 6.24 5.45 -3.64
C CYS A 28 6.50 6.67 -2.70
N GLN A 29 6.21 6.50 -1.40
CA GLN A 29 6.52 7.51 -0.36
C GLN A 29 8.06 7.75 -0.13
N GLY A 30 8.83 6.67 -0.03
CA GLY A 30 10.29 6.71 -0.26
C GLY A 30 10.84 5.34 -0.71
N ASP A 31 10.38 4.85 -1.88
CA ASP A 31 10.43 3.40 -2.23
C ASP A 31 9.76 2.49 -1.15
N THR A 32 8.42 2.54 -1.07
CA THR A 32 7.65 1.93 0.07
C THR A 32 6.16 1.90 -0.35
N CYS A 33 5.51 0.74 -0.24
CA CYS A 33 4.03 0.63 -0.31
C CYS A 33 3.44 0.45 1.10
N LYS A 34 2.90 1.54 1.64
CA LYS A 34 2.03 1.50 2.84
C LYS A 34 0.59 1.07 2.43
N CYS A 35 0.27 -0.21 2.64
CA CYS A 35 -1.11 -0.72 2.55
C CYS A 35 -1.77 -0.72 3.95
N LYS A 36 -2.86 0.04 4.12
CA LYS A 36 -3.70 -0.05 5.33
C LYS A 36 -4.58 -1.33 5.31
N ALA A 37 -4.22 -2.27 6.21
CA ALA A 37 -4.88 -3.58 6.32
C ALA A 37 -4.56 -4.14 7.72
N GLY A 1 -6.54 -0.02 9.96
CA GLY A 1 -5.86 -0.02 11.27
C GLY A 1 -4.33 -0.03 11.16
N SER A 2 -3.75 -1.21 10.97
CA SER A 2 -2.28 -1.39 10.87
C SER A 2 -1.72 -1.04 9.48
N THR A 3 -0.91 0.03 9.38
CA THR A 3 -0.30 0.46 8.10
C THR A 3 1.02 -0.34 7.85
N GLY A 4 1.07 -1.09 6.75
CA GLY A 4 2.20 -2.00 6.45
C GLY A 4 3.18 -1.44 5.41
N PRO A 5 4.37 -0.87 5.75
CA PRO A 5 5.34 -0.33 4.73
C PRO A 5 6.22 -1.40 4.04
N GLN A 6 6.09 -1.51 2.71
CA GLN A 6 6.92 -2.45 1.89
C GLN A 6 8.22 -1.74 1.37
N THR A 7 8.74 -2.06 0.17
CA THR A 7 9.88 -1.31 -0.45
C THR A 7 9.72 -1.31 -2.00
N THR A 8 8.69 -0.60 -2.49
CA THR A 8 8.24 -0.72 -3.91
C THR A 8 7.38 0.52 -4.36
N CYS A 9 7.79 1.14 -5.48
CA CYS A 9 7.06 2.27 -6.11
C CYS A 9 5.79 1.88 -6.92
N GLN A 10 5.93 1.15 -8.04
CA GLN A 10 4.78 0.72 -8.88
C GLN A 10 4.07 -0.56 -8.36
N ALA A 11 3.41 -0.45 -7.20
CA ALA A 11 2.94 -1.63 -6.44
C ALA A 11 1.43 -1.90 -6.64
N ALA A 12 1.10 -2.48 -7.81
CA ALA A 12 -0.30 -2.81 -8.17
C ALA A 12 -0.99 -3.90 -7.29
N MET A 13 -0.29 -5.00 -6.96
CA MET A 13 -0.82 -6.04 -6.03
C MET A 13 -1.01 -5.56 -4.55
N CYS A 14 -0.06 -4.79 -4.00
CA CYS A 14 -0.21 -4.08 -2.71
C CYS A 14 -1.43 -3.11 -2.63
N GLU A 15 -1.55 -2.19 -3.59
CA GLU A 15 -2.68 -1.23 -3.69
C GLU A 15 -4.05 -1.86 -4.08
N ALA A 16 -4.10 -2.87 -4.97
CA ALA A 16 -5.34 -3.64 -5.25
C ALA A 16 -5.91 -4.46 -4.04
N GLY A 17 -5.05 -5.16 -3.27
CA GLY A 17 -5.44 -5.68 -1.94
C GLY A 17 -5.93 -4.66 -0.89
N CYS A 18 -5.22 -3.52 -0.76
CA CYS A 18 -5.69 -2.38 0.07
C CYS A 18 -7.02 -1.68 -0.38
N LYS A 19 -7.28 -1.52 -1.69
CA LYS A 19 -8.61 -1.13 -2.21
C LYS A 19 -9.73 -2.22 -2.15
N GLY A 20 -9.39 -3.51 -2.29
CA GLY A 20 -10.29 -4.63 -1.89
C GLY A 20 -10.79 -4.66 -0.43
N LEU A 21 -9.89 -4.40 0.54
CA LEU A 21 -10.29 -3.96 1.90
C LEU A 21 -11.05 -2.57 1.95
N GLY A 22 -10.54 -1.54 1.24
CA GLY A 22 -11.25 -0.26 1.03
C GLY A 22 -10.79 0.95 1.86
N LYS A 23 -9.47 1.10 2.10
CA LYS A 23 -8.96 2.00 3.16
C LYS A 23 -8.02 3.09 2.59
N SER A 24 -6.71 2.82 2.35
CA SER A 24 -5.81 3.81 1.71
C SER A 24 -4.57 3.13 1.04
N MET A 25 -4.21 3.67 -0.13
CA MET A 25 -3.20 3.09 -1.03
C MET A 25 -2.02 4.11 -1.20
N GLU A 26 -0.88 3.81 -0.57
CA GLU A 26 0.27 4.76 -0.55
C GLU A 26 1.59 4.08 -1.05
N SER A 27 1.69 3.86 -2.38
CA SER A 27 2.96 3.41 -3.02
C SER A 27 3.85 4.56 -3.55
N CYS A 28 5.16 4.30 -3.53
CA CYS A 28 6.22 5.30 -3.81
C CYS A 28 6.37 6.51 -2.81
N GLN A 29 5.83 6.38 -1.59
CA GLN A 29 5.91 7.41 -0.53
C GLN A 29 7.35 7.75 -0.03
N GLY A 30 8.20 6.72 0.11
CA GLY A 30 9.67 6.91 0.03
C GLY A 30 10.37 5.64 -0.50
N ASP A 31 10.06 5.25 -1.75
CA ASP A 31 10.28 3.85 -2.25
C ASP A 31 9.67 2.76 -1.29
N THR A 32 8.34 2.72 -1.19
CA THR A 32 7.62 2.04 -0.06
C THR A 32 6.12 1.98 -0.44
N CYS A 33 5.51 0.78 -0.31
CA CYS A 33 4.03 0.65 -0.35
C CYS A 33 3.47 0.51 1.09
N LYS A 34 2.94 1.63 1.59
CA LYS A 34 2.14 1.65 2.84
C LYS A 34 0.66 1.26 2.54
N CYS A 35 0.31 0.00 2.82
CA CYS A 35 -1.09 -0.46 2.78
C CYS A 35 -1.74 -0.35 4.19
N LYS A 36 -2.81 0.44 4.30
CA LYS A 36 -3.63 0.52 5.54
C LYS A 36 -4.55 -0.72 5.70
N ALA A 37 -4.21 -1.60 6.66
CA ALA A 37 -4.89 -2.89 6.86
C ALA A 37 -5.27 -3.01 8.34
N GLY A 1 -6.70 -0.25 9.20
CA GLY A 1 -6.27 -0.59 10.57
C GLY A 1 -4.79 -0.30 10.82
N SER A 2 -3.93 -1.30 10.55
CA SER A 2 -2.46 -1.15 10.68
C SER A 2 -1.81 -0.81 9.32
N THR A 3 -1.02 0.28 9.27
CA THR A 3 -0.33 0.70 8.03
C THR A 3 1.00 -0.09 7.85
N GLY A 4 1.07 -0.89 6.77
CA GLY A 4 2.20 -1.81 6.53
C GLY A 4 3.20 -1.32 5.46
N PRO A 5 4.39 -0.74 5.79
CA PRO A 5 5.36 -0.25 4.76
C PRO A 5 6.21 -1.36 4.09
N GLN A 6 6.09 -1.47 2.75
CA GLN A 6 6.90 -2.44 1.95
C GLN A 6 8.21 -1.75 1.42
N THR A 7 8.72 -2.09 0.21
CA THR A 7 9.87 -1.36 -0.41
C THR A 7 9.70 -1.36 -1.97
N THR A 8 8.68 -0.64 -2.46
CA THR A 8 8.22 -0.76 -3.88
C THR A 8 7.39 0.48 -4.33
N CYS A 9 7.79 1.11 -5.45
CA CYS A 9 7.07 2.24 -6.07
C CYS A 9 5.78 1.87 -6.86
N GLN A 10 5.91 1.16 -7.99
CA GLN A 10 4.74 0.76 -8.84
C GLN A 10 4.03 -0.53 -8.35
N ALA A 11 3.38 -0.42 -7.16
CA ALA A 11 2.91 -1.59 -6.41
C ALA A 11 1.40 -1.88 -6.60
N ALA A 12 1.06 -2.44 -7.77
CA ALA A 12 -0.33 -2.78 -8.13
C ALA A 12 -1.02 -3.87 -7.27
N MET A 13 -0.31 -4.97 -6.94
CA MET A 13 -0.83 -6.02 -6.02
C MET A 13 -1.01 -5.56 -4.53
N CYS A 14 -0.06 -4.79 -3.99
CA CYS A 14 -0.21 -4.07 -2.69
C CYS A 14 -1.42 -3.12 -2.60
N GLU A 15 -1.55 -2.19 -3.56
CA GLU A 15 -2.68 -1.23 -3.63
C GLU A 15 -4.06 -1.86 -4.03
N ALA A 16 -4.11 -2.86 -4.93
CA ALA A 16 -5.36 -3.63 -5.21
C ALA A 16 -5.91 -4.47 -4.02
N GLY A 17 -5.06 -5.19 -3.27
CA GLY A 17 -5.44 -5.74 -1.94
C GLY A 17 -5.89 -4.73 -0.87
N CYS A 18 -5.19 -3.60 -0.72
CA CYS A 18 -5.64 -2.46 0.11
C CYS A 18 -6.99 -1.78 -0.29
N LYS A 19 -7.26 -1.58 -1.58
CA LYS A 19 -8.61 -1.18 -2.09
C LYS A 19 -9.71 -2.25 -2.02
N GLY A 20 -9.40 -3.55 -2.21
CA GLY A 20 -10.30 -4.67 -1.82
C GLY A 20 -10.78 -4.73 -0.36
N LEU A 21 -9.88 -4.50 0.60
CA LEU A 21 -10.24 -4.10 1.99
C LEU A 21 -10.97 -2.71 2.10
N GLY A 22 -10.46 -1.66 1.44
CA GLY A 22 -11.18 -0.37 1.26
C GLY A 22 -10.73 0.83 2.11
N LYS A 23 -9.42 0.99 2.39
CA LYS A 23 -8.94 2.01 3.36
C LYS A 23 -8.02 3.07 2.69
N SER A 24 -6.73 2.80 2.42
CA SER A 24 -5.83 3.79 1.76
C SER A 24 -4.59 3.13 1.09
N MET A 25 -4.23 3.68 -0.08
CA MET A 25 -3.21 3.10 -0.98
C MET A 25 -2.04 4.12 -1.15
N GLU A 26 -0.89 3.85 -0.53
CA GLU A 26 0.23 4.83 -0.48
C GLU A 26 1.57 4.20 -0.97
N SER A 27 1.71 4.02 -2.30
CA SER A 27 2.97 3.55 -2.93
C SER A 27 3.87 4.67 -3.50
N CYS A 28 5.18 4.39 -3.50
CA CYS A 28 6.25 5.35 -3.85
C CYS A 28 6.46 6.59 -2.91
N GLN A 29 5.99 6.50 -1.66
CA GLN A 29 6.16 7.57 -0.63
C GLN A 29 7.64 7.86 -0.22
N GLY A 30 8.45 6.79 -0.05
CA GLY A 30 9.92 6.89 -0.17
C GLY A 30 10.55 5.57 -0.62
N ASP A 31 10.20 5.12 -1.85
CA ASP A 31 10.37 3.70 -2.30
C ASP A 31 9.73 2.67 -1.30
N THR A 32 8.40 2.66 -1.20
CA THR A 32 7.67 2.03 -0.06
C THR A 32 6.15 1.97 -0.45
N CYS A 33 5.53 0.80 -0.32
CA CYS A 33 4.05 0.67 -0.34
C CYS A 33 3.49 0.54 1.08
N LYS A 34 2.95 1.65 1.59
CA LYS A 34 2.15 1.65 2.84
C LYS A 34 0.67 1.28 2.53
N CYS A 35 0.32 0.02 2.83
CA CYS A 35 -1.09 -0.43 2.82
C CYS A 35 -1.72 -0.30 4.23
N LYS A 36 -2.78 0.51 4.34
CA LYS A 36 -3.64 0.54 5.56
C LYS A 36 -4.56 -0.71 5.61
N ALA A 37 -4.24 -1.65 6.52
CA ALA A 37 -4.81 -3.01 6.51
C ALA A 37 -5.51 -3.32 7.84
N GLY A 1 -1.81 -3.36 13.14
CA GLY A 1 -3.11 -2.65 13.25
C GLY A 1 -3.50 -1.87 11.99
N SER A 2 -3.01 -0.62 11.88
CA SER A 2 -3.32 0.24 10.72
C SER A 2 -2.45 -0.07 9.47
N THR A 3 -1.21 0.44 9.40
CA THR A 3 -0.56 0.72 8.09
C THR A 3 0.75 -0.11 7.93
N GLY A 4 0.81 -0.91 6.87
CA GLY A 4 1.99 -1.76 6.57
C GLY A 4 2.94 -1.18 5.51
N PRO A 5 4.13 -0.60 5.83
CA PRO A 5 5.09 -0.08 4.81
C PRO A 5 5.98 -1.17 4.16
N GLN A 6 5.88 -1.32 2.83
CA GLN A 6 6.71 -2.29 2.06
C GLN A 6 8.04 -1.62 1.55
N THR A 7 8.61 -2.00 0.39
CA THR A 7 9.79 -1.29 -0.20
C THR A 7 9.69 -1.34 -1.76
N THR A 8 8.70 -0.64 -2.33
CA THR A 8 8.32 -0.77 -3.77
C THR A 8 7.51 0.46 -4.27
N CYS A 9 7.97 1.09 -5.37
CA CYS A 9 7.23 2.16 -6.07
C CYS A 9 6.02 1.69 -6.91
N GLN A 10 6.22 0.92 -7.98
CA GLN A 10 5.10 0.45 -8.87
C GLN A 10 4.32 -0.77 -8.30
N ALA A 11 3.54 -0.55 -7.23
CA ALA A 11 2.99 -1.66 -6.41
C ALA A 11 1.49 -1.92 -6.67
N ALA A 12 1.20 -2.54 -7.81
CA ALA A 12 -0.18 -2.88 -8.21
C ALA A 12 -0.89 -3.97 -7.34
N MET A 13 -0.20 -5.05 -6.97
CA MET A 13 -0.73 -6.09 -6.04
C MET A 13 -0.98 -5.59 -4.56
N CYS A 14 -0.05 -4.79 -4.02
CA CYS A 14 -0.26 -4.05 -2.75
C CYS A 14 -1.50 -3.12 -2.73
N GLU A 15 -1.60 -2.18 -3.69
CA GLU A 15 -2.76 -1.28 -3.83
C GLU A 15 -4.11 -1.94 -4.24
N ALA A 16 -4.12 -2.99 -5.09
CA ALA A 16 -5.34 -3.79 -5.36
C ALA A 16 -5.91 -4.59 -4.13
N GLY A 17 -5.06 -5.26 -3.34
CA GLY A 17 -5.46 -5.74 -1.99
C GLY A 17 -5.92 -4.67 -0.97
N CYS A 18 -5.20 -3.55 -0.87
CA CYS A 18 -5.64 -2.38 -0.07
C CYS A 18 -6.97 -1.68 -0.48
N LYS A 19 -7.26 -1.56 -1.79
CA LYS A 19 -8.61 -1.16 -2.30
C LYS A 19 -9.71 -2.25 -2.20
N GLY A 20 -9.41 -3.55 -2.35
CA GLY A 20 -10.32 -4.64 -1.91
C GLY A 20 -10.79 -4.64 -0.44
N LEU A 21 -9.86 -4.40 0.51
CA LEU A 21 -10.20 -3.94 1.88
C LEU A 21 -10.91 -2.53 1.94
N GLY A 22 -10.41 -1.53 1.20
CA GLY A 22 -11.07 -0.22 1.01
C GLY A 22 -10.60 0.96 1.88
N LYS A 23 -9.30 1.03 2.23
CA LYS A 23 -8.84 1.92 3.34
C LYS A 23 -7.94 3.09 2.84
N SER A 24 -6.71 2.83 2.35
CA SER A 24 -5.80 3.88 1.82
C SER A 24 -4.59 3.22 1.05
N MET A 25 -4.31 3.78 -0.13
CA MET A 25 -3.34 3.20 -1.10
C MET A 25 -2.17 4.21 -1.32
N GLU A 26 -1.02 3.95 -0.70
CA GLU A 26 0.11 4.93 -0.66
C GLU A 26 1.44 4.27 -1.15
N SER A 27 1.56 4.09 -2.48
CA SER A 27 2.80 3.60 -3.12
C SER A 27 3.77 4.70 -3.62
N CYS A 28 5.07 4.36 -3.64
CA CYS A 28 6.18 5.30 -3.94
C CYS A 28 6.36 6.54 -3.00
N GLN A 29 5.96 6.38 -1.73
CA GLN A 29 6.10 7.40 -0.65
C GLN A 29 7.59 7.75 -0.31
N GLY A 30 8.43 6.72 -0.16
CA GLY A 30 9.90 6.86 -0.35
C GLY A 30 10.54 5.55 -0.80
N ASP A 31 10.16 5.06 -2.01
CA ASP A 31 10.28 3.61 -2.38
C ASP A 31 9.60 2.67 -1.33
N THR A 32 8.26 2.69 -1.26
CA THR A 32 7.50 2.12 -0.11
C THR A 32 6.00 2.07 -0.52
N CYS A 33 5.37 0.89 -0.34
CA CYS A 33 3.90 0.78 -0.39
C CYS A 33 3.34 0.70 1.05
N LYS A 34 2.83 1.84 1.53
CA LYS A 34 2.02 1.91 2.76
C LYS A 34 0.55 1.49 2.46
N CYS A 35 0.23 0.23 2.74
CA CYS A 35 -1.16 -0.25 2.71
C CYS A 35 -1.81 -0.11 4.11
N LYS A 36 -2.87 0.71 4.20
CA LYS A 36 -3.76 0.70 5.40
C LYS A 36 -4.70 -0.54 5.37
N ALA A 37 -4.55 -1.40 6.39
CA ALA A 37 -5.33 -2.64 6.53
C ALA A 37 -5.88 -2.73 7.96
N GLY A 1 -6.85 -2.88 11.10
CA GLY A 1 -6.49 -1.46 10.92
C GLY A 1 -5.05 -1.14 11.32
N SER A 2 -4.11 -1.31 10.38
CA SER A 2 -2.67 -1.03 10.63
C SER A 2 -1.91 -0.81 9.29
N THR A 3 -1.06 0.23 9.23
CA THR A 3 -0.33 0.59 7.99
C THR A 3 1.01 -0.20 7.87
N GLY A 4 1.12 -0.99 6.79
CA GLY A 4 2.31 -1.83 6.53
C GLY A 4 3.26 -1.24 5.48
N PRO A 5 4.41 -0.58 5.82
CA PRO A 5 5.35 -0.02 4.81
C PRO A 5 6.28 -1.07 4.14
N GLN A 6 6.14 -1.24 2.82
CA GLN A 6 6.96 -2.21 2.03
C GLN A 6 8.27 -1.53 1.50
N THR A 7 8.81 -1.91 0.33
CA THR A 7 9.97 -1.20 -0.30
C THR A 7 9.83 -1.26 -1.86
N THR A 8 8.81 -0.57 -2.40
CA THR A 8 8.41 -0.71 -3.82
C THR A 8 7.56 0.50 -4.29
N CYS A 9 7.98 1.14 -5.41
CA CYS A 9 7.20 2.20 -6.09
C CYS A 9 5.97 1.70 -6.89
N GLN A 10 6.15 0.93 -7.98
CA GLN A 10 5.01 0.45 -8.82
C GLN A 10 4.27 -0.79 -8.24
N ALA A 11 3.52 -0.58 -7.15
CA ALA A 11 2.99 -1.69 -6.32
C ALA A 11 1.46 -1.93 -6.55
N ALA A 12 1.15 -2.57 -7.68
CA ALA A 12 -0.25 -2.90 -8.05
C ALA A 12 -0.97 -3.94 -7.12
N MET A 13 -0.30 -5.03 -6.74
CA MET A 13 -0.84 -6.02 -5.77
C MET A 13 -1.04 -5.48 -4.30
N CYS A 14 -0.08 -4.68 -3.80
CA CYS A 14 -0.24 -3.92 -2.53
C CYS A 14 -1.44 -2.94 -2.49
N GLU A 15 -1.56 -2.05 -3.48
CA GLU A 15 -2.73 -1.16 -3.63
C GLU A 15 -4.10 -1.85 -3.96
N ALA A 16 -4.13 -2.87 -4.82
CA ALA A 16 -5.36 -3.68 -5.07
C ALA A 16 -5.91 -4.48 -3.86
N GLY A 17 -5.05 -5.11 -3.04
CA GLY A 17 -5.45 -5.59 -1.69
C GLY A 17 -5.94 -4.53 -0.69
N CYS A 18 -5.25 -3.39 -0.59
CA CYS A 18 -5.74 -2.22 0.17
C CYS A 18 -7.09 -1.59 -0.28
N LYS A 19 -7.34 -1.46 -1.59
CA LYS A 19 -8.66 -1.07 -2.14
C LYS A 19 -9.77 -2.17 -2.12
N GLY A 20 -9.42 -3.47 -2.25
CA GLY A 20 -10.35 -4.59 -1.91
C GLY A 20 -10.91 -4.63 -0.47
N LEU A 21 -10.06 -4.38 0.54
CA LEU A 21 -10.52 -3.95 1.89
C LEU A 21 -11.22 -2.52 1.92
N GLY A 22 -10.65 -1.52 1.24
CA GLY A 22 -11.25 -0.17 1.08
C GLY A 22 -10.69 0.94 1.98
N LYS A 23 -9.36 0.99 2.20
CA LYS A 23 -8.78 1.76 3.34
C LYS A 23 -7.88 2.94 2.86
N SER A 24 -6.63 2.70 2.41
CA SER A 24 -5.72 3.78 1.94
C SER A 24 -4.50 3.16 1.16
N MET A 25 -4.22 3.76 0.00
CA MET A 25 -3.29 3.19 -1.01
C MET A 25 -2.10 4.19 -1.25
N GLU A 26 -0.97 3.94 -0.59
CA GLU A 26 0.18 4.90 -0.59
C GLU A 26 1.50 4.22 -1.07
N SER A 27 1.58 3.94 -2.38
CA SER A 27 2.82 3.46 -3.03
C SER A 27 3.69 4.56 -3.68
N CYS A 28 5.01 4.31 -3.66
CA CYS A 28 6.08 5.31 -4.00
C CYS A 28 6.20 6.56 -3.08
N GLN A 29 5.93 6.36 -1.78
CA GLN A 29 6.13 7.39 -0.72
C GLN A 29 7.63 7.80 -0.51
N GLY A 30 8.52 6.80 -0.42
CA GLY A 30 9.96 6.99 -0.69
C GLY A 30 10.63 5.67 -1.09
N ASP A 31 10.23 5.11 -2.26
CA ASP A 31 10.37 3.65 -2.55
C ASP A 31 9.74 2.74 -1.43
N THR A 32 8.40 2.75 -1.32
CA THR A 32 7.68 2.19 -0.15
C THR A 32 6.16 2.11 -0.52
N CYS A 33 5.55 0.94 -0.30
CA CYS A 33 4.07 0.81 -0.32
C CYS A 33 3.52 0.72 1.11
N LYS A 34 2.98 1.85 1.59
CA LYS A 34 2.16 1.90 2.82
C LYS A 34 0.69 1.49 2.50
N CYS A 35 0.38 0.22 2.73
CA CYS A 35 -1.02 -0.27 2.70
C CYS A 35 -1.63 -0.24 4.12
N LYS A 36 -2.71 0.53 4.29
CA LYS A 36 -3.57 0.42 5.51
C LYS A 36 -4.44 -0.86 5.45
N ALA A 37 -4.09 -1.86 6.26
CA ALA A 37 -4.70 -3.20 6.20
C ALA A 37 -5.54 -3.46 7.46
#